data_4N0U
#
_entry.id   4N0U
#
_cell.length_a   153.190
_cell.length_b   153.190
_cell.length_c   145.998
_cell.angle_alpha   90.00
_cell.angle_beta   90.00
_cell.angle_gamma   90.00
#
_symmetry.space_group_name_H-M   'P 41 21 2'
#
loop_
_entity.id
_entity.type
_entity.pdbx_description
1 polymer 'IgG receptor FcRn large subunit p51'
2 polymer Beta-2-microglobulin
3 polymer 'Serum albumin'
4 polymer 'Ig gamma-1 chain C region'
5 branched 2-acetamido-2-deoxy-beta-D-glucopyranose-(1-2)-alpha-D-mannopyranose-(1-3)-[2-acetamido-2-deoxy-beta-D-glucopyranose-(1-2)-alpha-D-mannopyranose-(1-6)]beta-D-mannopyranose-(1-4)-2-acetamido-2-deoxy-beta-D-glucopyranose-(1-4)-[beta-L-fucopyranose-(1-6)]2-acetamido-2-deoxy-beta-D-glucopyranose
#
loop_
_entity_poly.entity_id
_entity_poly.type
_entity_poly.pdbx_seq_one_letter_code
_entity_poly.pdbx_strand_id
1 'polypeptide(L)'
;HLSLLYHLTAVSSPAPGTPAFWVSGWLGPQQYLSYNSLRGEAEPCGAWVWENQVSWYWEKETTDLRIKEKLFLEAFKALG
GKGPYTLQGLLGCELGPDNTSVPTAKFALNGEEFMNFDLKQGTWGGDWPEALAISQRWQQQDKAANKELTFLLFSCPHRL
REHLERGRGNLEWKEPPSMRLKARPSSPGFSVLTCSAFSFYPPELQLRFLRNGLAAGTGQGDFGPNSDGSFHASSSLTVK
SGDEHHYCCIVQHAGLAQPLRVEL
;
A
2 'polypeptide(L)'
;IQRTPKIQVYSRHPAENGKSNFLNCYVSGFHPSDIEVDLLKNGERIEKVEHSDLSFSKDWSFYLLYYTEFTPTEKDEYAC
RVNHVTLSQPKIVKWDRDM
;
B
3 'polypeptide(L)'
;HKSEVAHRFKDLGEENFKALVLIAFAQYLQQCPFEDHVKLVNEVTEFAKTCVADESAENCDKSLHTLFGDKLCTVATLRE
TYGEMADCCAKQEPERNECFLQHKDDNPNLPRLVRPEVDVMCTAFHDNEETFLKKYLYEIARRHPYFYAPELLFFAKRYK
AAFTECCQAADKAACLLPKLDELRDEGKASSAKQRLKCASLQKFGERAFKAWAVARLSQRFPKAEFAEVSKLVTDLTKVH
TECCHGDLLECADDRADLAKYICENQDSISSKLKECCEKPLLEKSHCIAEVENDEMPADLPSLAADFVESKDVCKNYAEA
KDVFLGMFLYEYARRHPDYSVVLLLRLAKTYETTLEKCCAAADPHECYAKVFDEFKPLVEEPQNLIKQNCELFEQLGEYK
FQNALLVRYTKKVPQVSTPTLVEVSRNLGKVGSKCCKHPEAKRMPCAEDYLSVVLNQLCVLHEKTPVSDRVTKCCTESLV
NRRPCFSALEVDETYVPKEFNAETFTFHADICTLSEKERQIKKQTALVELVKHKPKATKEQLKAVMDDFAAFVEKCCKAD
DKETCFAEEGKKLVAASQAALGL
;
D
4 'polypeptide(L)'
;GGPSVFLFPPKPKDTLYITREPEVTCVVVDVSHEDPEVKFNWYVDGVEVHNAKTKPREEQYNSTYRVVSVLTVLHQDWLN
GKEYKCKVSNKALPAPIEKTISKAKGQPREPQVYTLPPSRDELTKNQVSLTCLVKGFYPSDIAVEWESNGQPENNYKTTP
PVLDSDGSFFLYSKLTVDKSRWQQGNVFSCSVMHEALHNHYTQKSLSLS
;
E
#
loop_
_chem_comp.id
_chem_comp.type
_chem_comp.name
_chem_comp.formula
BMA D-saccharide, beta linking beta-D-mannopyranose 'C6 H12 O6'
FUL L-saccharide, beta linking beta-L-fucopyranose 'C6 H12 O5'
MAN D-saccharide, alpha linking alpha-D-mannopyranose 'C6 H12 O6'
NAG D-saccharide, beta linking 2-acetamido-2-deoxy-beta-D-glucopyranose 'C8 H15 N O6'
#
# COMPACT_ATOMS: atom_id res chain seq x y z
N HIS A 1 21.81 4.65 3.98
CA HIS A 1 21.43 6.09 3.87
C HIS A 1 20.17 6.34 3.12
N LEU A 2 19.69 5.35 2.41
CA LEU A 2 18.54 5.58 1.54
C LEU A 2 17.23 5.49 2.28
N SER A 3 16.18 5.89 1.58
CA SER A 3 14.90 6.20 2.20
C SER A 3 13.72 5.93 1.29
N LEU A 4 12.66 5.41 1.90
CA LEU A 4 11.40 5.16 1.21
C LEU A 4 10.51 6.38 1.38
N LEU A 5 10.08 6.99 0.28
CA LEU A 5 9.27 8.21 0.31
C LEU A 5 8.13 8.23 -0.69
N TYR A 6 6.92 8.47 -0.19
CA TYR A 6 5.73 8.58 -1.01
C TYR A 6 5.42 10.05 -1.29
N HIS A 7 5.08 10.38 -2.54
CA HIS A 7 4.77 11.75 -2.97
C HIS A 7 3.32 11.88 -3.35
N LEU A 8 2.49 12.07 -2.33
CA LEU A 8 1.03 12.13 -2.50
C LEU A 8 0.58 13.50 -2.96
N THR A 9 -0.37 13.50 -3.90
CA THR A 9 -0.92 14.73 -4.44
C THR A 9 -2.40 14.59 -4.78
N ALA A 10 -3.18 15.57 -4.37
CA ALA A 10 -4.57 15.63 -4.76
C ALA A 10 -4.90 17.04 -5.21
N VAL A 11 -5.85 17.14 -6.12
CA VAL A 11 -6.34 18.43 -6.60
C VAL A 11 -7.85 18.46 -6.57
N SER A 12 -8.39 19.65 -6.37
CA SER A 12 -9.80 19.79 -6.04
C SER A 12 -10.69 19.83 -7.27
N SER A 13 -10.10 20.19 -8.40
CA SER A 13 -10.81 20.16 -9.68
C SER A 13 -9.83 19.86 -10.79
N PRO A 14 -9.77 18.59 -11.19
CA PRO A 14 -8.79 18.17 -12.16
C PRO A 14 -9.26 18.29 -13.58
N ALA A 15 -8.38 18.77 -14.45
CA ALA A 15 -8.59 18.73 -15.88
C ALA A 15 -9.18 17.37 -16.27
N PRO A 16 -10.26 17.36 -17.07
CA PRO A 16 -10.98 16.09 -17.12
C PRO A 16 -10.14 14.98 -17.72
N GLY A 17 -10.38 13.75 -17.26
CA GLY A 17 -9.53 12.61 -17.63
C GLY A 17 -8.21 12.59 -16.88
N THR A 18 -7.94 13.66 -16.16
CA THR A 18 -6.88 13.68 -15.17
C THR A 18 -7.39 13.08 -13.88
N PRO A 19 -6.49 12.45 -13.13
CA PRO A 19 -6.87 11.94 -11.81
C PRO A 19 -6.98 13.01 -10.76
N ALA A 20 -7.92 12.82 -9.85
CA ALA A 20 -8.07 13.73 -8.73
C ALA A 20 -6.90 13.61 -7.77
N PHE A 21 -6.36 12.41 -7.67
CA PHE A 21 -5.34 12.08 -6.67
C PHE A 21 -4.35 11.10 -7.24
N TRP A 22 -3.08 11.22 -6.87
CA TRP A 22 -2.04 10.29 -7.35
C TRP A 22 -0.79 10.29 -6.52
N VAL A 23 -0.09 9.16 -6.59
CA VAL A 23 1.07 8.96 -5.73
C VAL A 23 2.24 8.47 -6.54
N SER A 24 3.43 8.94 -6.17
CA SER A 24 4.69 8.34 -6.64
C SER A 24 5.54 7.86 -5.46
N GLY A 25 5.96 6.61 -5.50
CA GLY A 25 6.76 6.03 -4.42
C GLY A 25 8.22 5.91 -4.84
N TRP A 26 9.12 6.30 -3.95
CA TRP A 26 10.55 6.34 -4.27
C TRP A 26 11.42 5.61 -3.31
N LEU A 27 12.37 4.89 -3.86
CA LEU A 27 13.45 4.31 -3.07
C LEU A 27 14.72 5.03 -3.48
N GLY A 28 15.25 5.82 -2.58
CA GLY A 28 16.32 6.72 -2.95
C GLY A 28 15.74 7.53 -4.10
N PRO A 29 16.54 7.75 -5.13
CA PRO A 29 16.11 8.55 -6.25
C PRO A 29 15.46 7.73 -7.36
N GLN A 30 15.08 6.50 -7.05
CA GLN A 30 14.41 5.61 -8.03
C GLN A 30 12.91 5.53 -7.75
N GLN A 31 12.10 5.69 -8.78
CA GLN A 31 10.68 5.56 -8.59
C GLN A 31 10.31 4.07 -8.72
N TYR A 32 9.85 3.46 -7.62
CA TYR A 32 9.41 2.05 -7.65
C TYR A 32 7.92 1.90 -7.82
N LEU A 33 7.17 2.85 -7.31
CA LEU A 33 5.72 2.71 -7.22
C LEU A 33 4.98 3.85 -7.92
N SER A 34 3.73 3.57 -8.27
CA SER A 34 2.89 4.51 -8.98
C SER A 34 1.43 4.15 -8.81
N TYR A 35 0.63 5.16 -8.50
CA TYR A 35 -0.78 4.98 -8.17
C TYR A 35 -1.55 6.21 -8.60
N ASN A 36 -2.81 6.02 -8.98
CA ASN A 36 -3.73 7.16 -9.15
C ASN A 36 -5.21 6.82 -9.00
N SER A 37 -6.03 7.86 -8.82
CA SER A 37 -7.44 7.69 -8.45
C SER A 37 -8.28 7.11 -9.56
N LEU A 38 -7.79 7.19 -10.81
CA LEU A 38 -8.56 6.67 -11.95
C LEU A 38 -8.47 5.16 -11.97
N ARG A 39 -7.23 4.70 -12.07
CA ARG A 39 -6.93 3.27 -12.14
C ARG A 39 -7.20 2.56 -10.81
N GLY A 40 -6.86 3.23 -9.71
CA GLY A 40 -7.21 2.71 -8.38
C GLY A 40 -6.28 1.66 -7.81
N GLU A 41 -5.16 1.45 -8.49
CA GLU A 41 -4.28 0.34 -8.16
C GLU A 41 -2.85 0.74 -8.14
N ALA A 42 -2.15 0.24 -7.13
CA ALA A 42 -0.73 0.52 -6.96
C ALA A 42 0.04 -0.39 -7.90
N GLU A 43 0.87 0.20 -8.76
CA GLU A 43 1.67 -0.57 -9.71
C GLU A 43 3.15 -0.31 -9.54
N PRO A 44 3.98 -1.32 -9.79
CA PRO A 44 5.40 -1.09 -9.85
C PRO A 44 5.81 -0.36 -11.11
N CYS A 45 6.79 0.50 -10.93
CA CYS A 45 7.39 1.31 -11.99
C CYS A 45 8.78 0.75 -12.33
N GLY A 46 9.14 0.85 -13.61
CA GLY A 46 10.51 0.60 -14.04
C GLY A 46 10.99 -0.80 -13.79
N ALA A 47 12.20 -0.91 -13.29
CA ALA A 47 12.86 -2.19 -13.10
C ALA A 47 12.22 -2.94 -11.97
N TRP A 48 11.35 -2.27 -11.23
CA TRP A 48 10.72 -2.88 -10.08
C TRP A 48 9.60 -3.80 -10.41
N VAL A 49 9.27 -3.88 -11.69
CA VAL A 49 8.35 -4.90 -12.19
C VAL A 49 9.00 -6.26 -12.03
N TRP A 50 10.32 -6.28 -12.14
CA TRP A 50 11.08 -7.52 -12.15
C TRP A 50 11.64 -7.84 -10.80
N GLU A 51 11.24 -7.08 -9.80
CA GLU A 51 11.69 -7.38 -8.45
C GLU A 51 11.20 -8.75 -8.01
N ASN A 52 12.10 -9.49 -7.38
CA ASN A 52 11.72 -10.75 -6.75
C ASN A 52 10.85 -10.43 -5.53
N GLN A 53 9.57 -10.15 -5.78
CA GLN A 53 8.68 -9.68 -4.72
C GLN A 53 7.67 -10.74 -4.31
N VAL A 54 7.25 -10.65 -3.05
CA VAL A 54 6.32 -11.60 -2.47
C VAL A 54 4.89 -11.26 -2.84
N SER A 55 4.05 -12.28 -2.84
CA SER A 55 2.61 -12.08 -3.01
C SER A 55 2.08 -11.21 -1.89
N TRP A 56 1.07 -10.44 -2.22
CA TRP A 56 0.37 -9.55 -1.28
C TRP A 56 1.10 -8.29 -0.94
N TYR A 57 2.33 -8.16 -1.42
CA TYR A 57 3.06 -6.95 -1.16
C TYR A 57 2.33 -5.80 -1.82
N TRP A 58 2.03 -5.99 -3.09
CA TRP A 58 1.46 -4.90 -3.89
C TRP A 58 0.06 -4.56 -3.55
N GLU A 59 -0.72 -5.55 -3.14
CA GLU A 59 -2.11 -5.23 -2.80
C GLU A 59 -2.19 -4.66 -1.37
N LYS A 60 -1.15 -4.92 -0.57
CA LYS A 60 -0.97 -4.17 0.70
C LYS A 60 -0.75 -2.71 0.38
N GLU A 61 0.15 -2.43 -0.55
CA GLU A 61 0.38 -1.05 -0.98
C GLU A 61 -0.95 -0.43 -1.40
N THR A 62 -1.66 -1.11 -2.29
CA THR A 62 -2.89 -0.57 -2.86
C THR A 62 -3.83 -0.25 -1.74
N THR A 63 -4.03 -1.20 -0.83
CA THR A 63 -4.99 -1.03 0.28
C THR A 63 -4.70 0.25 1.05
N ASP A 64 -3.42 0.48 1.31
CA ASP A 64 -3.00 1.61 2.15
C ASP A 64 -3.25 2.91 1.44
N LEU A 65 -2.92 2.93 0.16
CA LEU A 65 -3.04 4.15 -0.64
C LEU A 65 -4.49 4.55 -0.91
N ARG A 66 -5.41 3.60 -0.79
CA ARG A 66 -6.82 3.88 -0.99
C ARG A 66 -7.37 4.62 0.19
N ILE A 67 -6.88 4.23 1.37
CA ILE A 67 -7.16 4.98 2.59
C ILE A 67 -6.59 6.40 2.45
N LYS A 68 -5.40 6.51 1.90
CA LYS A 68 -4.84 7.83 1.66
C LYS A 68 -5.72 8.62 0.70
N GLU A 69 -6.10 8.02 -0.43
CA GLU A 69 -6.98 8.71 -1.38
C GLU A 69 -8.20 9.30 -0.67
N LYS A 70 -8.88 8.47 0.10
CA LYS A 70 -10.09 8.93 0.80
C LYS A 70 -9.74 10.13 1.66
N LEU A 71 -8.75 9.96 2.52
CA LEU A 71 -8.29 11.03 3.41
C LEU A 71 -8.04 12.34 2.68
N PHE A 72 -7.36 12.25 1.55
CA PHE A 72 -7.00 13.46 0.81
C PHE A 72 -8.19 14.14 0.17
N LEU A 73 -9.08 13.36 -0.41
CA LEU A 73 -10.25 13.94 -1.07
C LEU A 73 -11.23 14.43 -0.03
N GLU A 74 -11.14 13.87 1.17
CA GLU A 74 -11.88 14.35 2.34
C GLU A 74 -11.41 15.72 2.79
N ALA A 75 -10.13 16.01 2.59
CA ALA A 75 -9.57 17.24 3.11
C ALA A 75 -10.25 18.46 2.51
N PHE A 76 -10.57 18.40 1.23
CA PHE A 76 -11.20 19.54 0.55
C PHE A 76 -12.59 19.85 1.07
N LYS A 77 -13.28 18.85 1.60
CA LYS A 77 -14.57 19.11 2.24
C LYS A 77 -14.32 19.98 3.45
N ALA A 78 -13.36 19.59 4.26
CA ALA A 78 -12.98 20.36 5.47
C ALA A 78 -12.62 21.81 5.20
N LEU A 79 -12.03 22.08 4.04
CA LEU A 79 -11.59 23.43 3.73
C LEU A 79 -12.74 24.33 3.29
N GLY A 80 -13.71 23.73 2.60
CA GLY A 80 -14.98 24.40 2.34
C GLY A 80 -14.96 25.31 1.13
N GLY A 81 -14.32 26.47 1.28
CA GLY A 81 -14.33 27.51 0.27
C GLY A 81 -14.17 27.08 -1.18
N LYS A 82 -14.17 28.06 -2.07
CA LYS A 82 -14.23 27.86 -3.53
C LYS A 82 -12.90 27.49 -4.19
N GLY A 83 -11.97 28.45 -4.15
CA GLY A 83 -10.76 28.47 -4.96
C GLY A 83 -10.07 27.13 -5.01
N PRO A 84 -9.61 26.72 -6.20
CA PRO A 84 -8.97 25.41 -6.34
C PRO A 84 -7.88 25.14 -5.34
N TYR A 85 -7.70 23.88 -4.97
CA TYR A 85 -6.68 23.52 -4.00
C TYR A 85 -5.70 22.53 -4.56
N THR A 86 -4.50 22.53 -4.01
CA THR A 86 -3.55 21.46 -4.25
C THR A 86 -3.03 21.01 -2.92
N LEU A 87 -3.31 19.76 -2.57
CA LEU A 87 -2.83 19.20 -1.32
C LEU A 87 -1.73 18.23 -1.63
N GLN A 88 -0.58 18.44 -1.00
CA GLN A 88 0.56 17.55 -1.15
C GLN A 88 0.98 16.92 0.18
N GLY A 89 1.49 15.69 0.11
CA GLY A 89 2.09 15.03 1.25
C GLY A 89 3.40 14.33 0.95
N LEU A 90 4.31 14.39 1.90
CA LEU A 90 5.59 13.68 1.83
C LEU A 90 5.66 12.75 3.02
N LEU A 91 5.55 11.46 2.76
CA LEU A 91 5.51 10.44 3.79
C LEU A 91 6.54 9.35 3.52
N GLY A 92 7.21 8.90 4.57
CA GLY A 92 8.26 7.89 4.42
C GLY A 92 9.08 7.63 5.67
N CYS A 93 10.23 7.00 5.47
CA CYS A 93 11.11 6.68 6.57
C CYS A 93 12.48 6.38 6.02
N GLU A 94 13.47 6.48 6.90
CA GLU A 94 14.85 6.26 6.53
C GLU A 94 15.46 5.41 7.60
N LEU A 95 16.39 4.55 7.20
CA LEU A 95 17.05 3.66 8.15
C LEU A 95 18.12 4.42 8.93
N GLY A 96 18.20 4.09 10.21
CA GLY A 96 19.18 4.68 11.13
C GLY A 96 20.09 3.64 11.76
N PRO A 97 21.27 4.09 12.21
CA PRO A 97 22.30 3.23 12.76
C PRO A 97 21.83 1.86 13.24
N ASP A 98 21.02 1.85 14.29
CA ASP A 98 20.88 0.66 15.15
C ASP A 98 19.70 -0.24 14.81
N ASN A 99 19.58 -0.58 13.52
CA ASN A 99 18.40 -1.27 13.01
C ASN A 99 17.15 -0.46 13.46
N THR A 100 17.20 0.84 13.16
CA THR A 100 16.20 1.84 13.60
C THR A 100 15.65 2.70 12.45
N SER A 101 14.33 2.95 12.44
CA SER A 101 13.70 3.79 11.39
C SER A 101 13.57 5.23 11.89
N VAL A 102 13.61 6.17 10.96
CA VAL A 102 13.29 7.57 11.25
C VAL A 102 12.22 8.06 10.28
N PRO A 103 11.04 8.43 10.80
CA PRO A 103 9.93 8.76 9.91
C PRO A 103 9.83 10.21 9.50
N THR A 104 9.09 10.41 8.41
CA THR A 104 8.78 11.73 7.85
C THR A 104 7.32 11.80 7.49
N ALA A 105 6.70 12.92 7.80
CA ALA A 105 5.29 13.10 7.54
C ALA A 105 4.98 14.58 7.52
N LYS A 106 5.19 15.19 6.37
CA LYS A 106 4.84 16.60 6.21
C LYS A 106 3.84 16.77 5.08
N PHE A 107 3.11 17.89 5.09
CA PHE A 107 2.15 18.18 4.03
C PHE A 107 2.20 19.63 3.62
N ALA A 108 1.79 19.92 2.38
CA ALA A 108 1.73 21.32 1.90
C ALA A 108 0.43 21.60 1.18
N LEU A 109 -0.12 22.76 1.44
CA LEU A 109 -1.33 23.21 0.77
C LEU A 109 -0.97 24.34 -0.19
N ASN A 110 -1.53 24.25 -1.40
CA ASN A 110 -1.22 25.21 -2.44
C ASN A 110 0.23 25.65 -2.34
N GLY A 111 1.11 24.64 -2.28
CA GLY A 111 2.54 24.85 -2.41
C GLY A 111 3.23 25.52 -1.22
N GLU A 112 2.66 25.42 -0.03
CA GLU A 112 3.41 25.79 1.16
C GLU A 112 3.21 24.80 2.27
N GLU A 113 4.31 24.41 2.92
CA GLU A 113 4.23 23.45 4.02
C GLU A 113 3.30 24.03 5.04
N PHE A 114 2.45 23.21 5.61
CA PHE A 114 1.45 23.73 6.56
C PHE A 114 0.99 22.79 7.66
N MET A 115 1.47 21.57 7.63
CA MET A 115 0.88 20.54 8.46
C MET A 115 1.83 19.37 8.51
N ASN A 116 1.75 18.61 9.58
CA ASN A 116 2.69 17.55 9.83
C ASN A 116 2.02 16.50 10.71
N PHE A 117 2.64 15.34 10.86
CA PHE A 117 2.08 14.29 11.72
C PHE A 117 3.05 13.92 12.82
N ASP A 118 2.71 14.30 14.05
CA ASP A 118 3.53 14.04 15.23
C ASP A 118 3.42 12.60 15.68
N LEU A 119 4.45 11.82 15.37
CA LEU A 119 4.42 10.38 15.67
C LEU A 119 4.41 10.03 17.14
N LYS A 120 4.75 10.99 17.99
CA LYS A 120 4.65 10.77 19.44
C LYS A 120 3.19 10.80 19.90
N GLN A 121 2.54 11.96 19.72
CA GLN A 121 1.11 12.12 20.11
C GLN A 121 0.15 11.38 19.19
N GLY A 122 0.59 10.96 18.02
CA GLY A 122 -0.30 10.28 17.08
C GLY A 122 -1.39 11.22 16.60
N THR A 123 -0.96 12.44 16.28
CA THR A 123 -1.87 13.50 15.89
C THR A 123 -1.28 14.31 14.76
N TRP A 124 -2.14 14.84 13.92
CA TRP A 124 -1.68 15.79 12.93
C TRP A 124 -1.65 17.10 13.61
N GLY A 125 -0.81 17.99 13.11
CA GLY A 125 -0.56 19.26 13.77
C GLY A 125 -0.20 20.28 12.72
N GLY A 126 0.09 21.49 13.17
CA GLY A 126 0.22 22.62 12.25
C GLY A 126 -0.76 23.63 12.71
N ASP A 127 -0.52 24.89 12.42
CA ASP A 127 -1.29 25.86 13.15
C ASP A 127 -1.93 26.91 12.26
N TRP A 128 -1.72 26.81 10.97
CA TRP A 128 -2.56 27.55 10.03
C TRP A 128 -3.99 27.15 10.10
N PRO A 129 -4.91 28.08 9.77
CA PRO A 129 -6.31 27.69 9.95
C PRO A 129 -6.68 26.50 9.11
N GLU A 130 -6.12 26.47 7.91
CA GLU A 130 -6.40 25.40 6.97
C GLU A 130 -5.95 24.07 7.58
N ALA A 131 -4.82 24.09 8.27
CA ALA A 131 -4.27 22.89 8.86
C ALA A 131 -5.08 22.47 10.03
N LEU A 132 -5.65 23.42 10.75
CA LEU A 132 -6.50 23.04 11.88
C LEU A 132 -7.77 22.36 11.40
N ALA A 133 -8.25 22.77 10.24
CA ALA A 133 -9.50 22.25 9.67
C ALA A 133 -9.34 20.81 9.23
N ILE A 134 -8.34 20.61 8.40
CA ILE A 134 -8.01 19.28 7.89
C ILE A 134 -7.57 18.37 9.03
N SER A 135 -6.72 18.89 9.90
CA SER A 135 -6.24 18.12 11.04
C SER A 135 -7.39 17.56 11.82
N GLN A 136 -8.39 18.39 12.00
CA GLN A 136 -9.57 18.00 12.75
C GLN A 136 -10.38 16.93 12.04
N ARG A 137 -10.53 17.06 10.73
CA ARG A 137 -11.36 16.11 9.94
C ARG A 137 -10.78 14.71 9.95
N TRP A 138 -9.47 14.67 9.87
CA TRP A 138 -8.77 13.40 9.92
C TRP A 138 -8.76 12.84 11.30
N GLN A 139 -8.48 13.67 12.31
CA GLN A 139 -8.35 13.16 13.68
C GLN A 139 -9.63 12.53 14.20
N GLN A 140 -10.77 12.87 13.59
CA GLN A 140 -12.07 12.32 13.99
C GLN A 140 -12.61 11.42 12.90
N GLN A 141 -12.06 10.22 12.89
CA GLN A 141 -12.28 9.26 11.84
C GLN A 141 -12.08 7.86 12.35
N ASP A 142 -12.43 6.92 11.46
CA ASP A 142 -12.26 5.49 11.76
C ASP A 142 -10.78 5.18 11.97
N LYS A 143 -10.31 5.75 13.07
CA LYS A 143 -8.98 5.52 13.57
C LYS A 143 -7.97 5.79 12.46
N ALA A 144 -8.18 6.85 11.69
CA ALA A 144 -7.24 7.21 10.63
C ALA A 144 -5.85 7.39 11.24
N ALA A 145 -5.80 8.04 12.41
CA ALA A 145 -4.58 8.23 13.21
C ALA A 145 -3.79 6.95 13.38
N ASN A 146 -4.47 5.89 13.77
CA ASN A 146 -3.81 4.59 13.97
C ASN A 146 -3.21 4.02 12.72
N LYS A 147 -3.93 4.14 11.62
CA LYS A 147 -3.43 3.63 10.35
C LYS A 147 -2.22 4.42 9.87
N GLU A 148 -2.23 5.74 10.04
CA GLU A 148 -1.06 6.57 9.71
C GLU A 148 0.11 6.14 10.58
N LEU A 149 -0.16 5.86 11.84
CA LEU A 149 0.90 5.37 12.74
C LEU A 149 1.50 4.10 12.20
N THR A 150 0.65 3.12 11.89
CA THR A 150 1.12 1.83 11.38
C THR A 150 1.87 1.98 10.07
N PHE A 151 1.33 2.81 9.20
CA PHE A 151 1.93 3.07 7.90
C PHE A 151 3.35 3.61 8.00
N LEU A 152 3.62 4.39 9.03
CA LEU A 152 4.91 5.08 9.15
C LEU A 152 5.88 4.39 10.08
N LEU A 153 5.35 3.79 11.12
CA LEU A 153 6.19 3.16 12.13
C LEU A 153 6.37 1.68 11.90
N PHE A 154 5.48 1.10 11.12
CA PHE A 154 5.55 -0.32 10.89
C PHE A 154 5.73 -0.70 9.44
N SER A 155 4.76 -0.30 8.61
CA SER A 155 4.73 -0.74 7.22
C SER A 155 5.92 -0.21 6.46
N CYS A 156 6.13 1.09 6.61
CA CYS A 156 7.15 1.79 5.83
C CYS A 156 8.52 1.16 6.05
N PRO A 157 8.94 1.02 7.31
CA PRO A 157 10.28 0.47 7.47
C PRO A 157 10.38 -1.01 7.14
N HIS A 158 9.31 -1.76 7.35
CA HIS A 158 9.30 -3.15 6.90
C HIS A 158 9.40 -3.29 5.43
N ARG A 159 8.74 -2.39 4.70
CA ARG A 159 8.91 -2.34 3.24
C ARG A 159 10.35 -2.03 2.87
N LEU A 160 10.90 -1.00 3.48
CA LEU A 160 12.22 -0.47 3.12
C LEU A 160 13.26 -1.57 3.25
N ARG A 161 13.22 -2.29 4.36
CA ARG A 161 14.11 -3.43 4.55
C ARG A 161 13.91 -4.48 3.47
N GLU A 162 12.65 -4.78 3.15
CA GLU A 162 12.36 -5.81 2.14
C GLU A 162 12.96 -5.43 0.79
N HIS A 163 12.86 -4.16 0.42
CA HIS A 163 13.37 -3.72 -0.88
C HIS A 163 14.86 -3.73 -0.94
N LEU A 164 15.52 -3.45 0.18
CA LEU A 164 16.99 -3.47 0.25
C LEU A 164 17.54 -4.87 -0.04
N GLU A 165 16.91 -5.87 0.59
CA GLU A 165 17.31 -7.25 0.37
C GLU A 165 17.05 -7.64 -1.09
N ARG A 166 15.78 -7.53 -1.49
CA ARG A 166 15.31 -8.09 -2.75
C ARG A 166 15.60 -7.23 -3.95
N GLY A 167 16.10 -6.03 -3.71
CA GLY A 167 16.40 -5.12 -4.81
C GLY A 167 17.78 -4.52 -4.83
N ARG A 168 18.74 -5.20 -4.21
CA ARG A 168 20.14 -4.76 -4.29
C ARG A 168 20.48 -4.45 -5.72
N GLY A 169 20.14 -5.40 -6.59
CA GLY A 169 20.46 -5.31 -8.00
C GLY A 169 20.25 -3.91 -8.54
N ASN A 170 19.07 -3.36 -8.28
CA ASN A 170 18.71 -2.02 -8.75
C ASN A 170 19.46 -0.94 -7.97
N LEU A 171 19.42 -1.06 -6.66
CA LEU A 171 19.92 0.01 -5.79
C LEU A 171 21.43 0.22 -5.90
N GLU A 172 22.15 -0.87 -6.11
CA GLU A 172 23.62 -0.82 -6.12
C GLU A 172 24.17 -0.62 -7.53
N TRP A 173 23.28 -0.58 -8.51
CA TRP A 173 23.61 -0.23 -9.90
C TRP A 173 24.55 0.94 -9.94
N LYS A 174 25.52 0.84 -10.85
CA LYS A 174 26.53 1.89 -11.09
C LYS A 174 26.79 2.07 -12.58
N GLU A 175 26.67 3.32 -13.02
CA GLU A 175 26.96 3.69 -14.41
C GLU A 175 27.75 5.01 -14.43
N PRO A 176 29.02 4.97 -14.83
CA PRO A 176 29.82 6.21 -14.88
C PRO A 176 29.44 7.02 -16.12
N PRO A 177 29.65 8.34 -16.07
CA PRO A 177 29.20 9.23 -17.14
C PRO A 177 30.09 9.24 -18.37
N SER A 178 29.47 9.47 -19.52
CA SER A 178 30.20 9.89 -20.71
C SER A 178 30.38 11.40 -20.62
N MET A 179 31.58 11.89 -20.88
CA MET A 179 31.91 13.32 -20.72
C MET A 179 32.22 14.03 -22.05
N ARG A 180 31.76 15.28 -22.16
CA ARG A 180 32.12 16.21 -23.28
C ARG A 180 32.32 17.64 -22.78
N LEU A 181 33.39 18.28 -23.25
CA LEU A 181 33.71 19.68 -22.93
C LEU A 181 33.85 20.50 -24.22
N LYS A 182 33.05 21.55 -24.36
CA LYS A 182 32.98 22.34 -25.62
C LYS A 182 32.96 23.85 -25.42
N ALA A 183 33.43 24.56 -26.45
CA ALA A 183 33.55 26.03 -26.44
C ALA A 183 32.58 26.71 -27.42
N ARG A 184 31.86 27.74 -26.93
CA ARG A 184 30.79 28.39 -27.70
C ARG A 184 30.90 29.92 -27.74
N PRO A 185 31.53 30.49 -28.80
CA PRO A 185 31.68 31.96 -28.91
C PRO A 185 30.39 32.70 -28.59
N SER A 186 30.41 33.60 -27.61
CA SER A 186 29.17 34.21 -27.11
C SER A 186 29.02 35.71 -27.38
N SER A 187 29.95 36.47 -26.80
CA SER A 187 29.83 37.93 -26.68
C SER A 187 30.91 38.65 -27.54
N PRO A 188 31.17 39.94 -27.25
CA PRO A 188 32.38 40.52 -27.79
C PRO A 188 33.64 39.66 -27.56
N GLY A 189 34.38 39.92 -26.48
CA GLY A 189 35.65 39.21 -26.21
C GLY A 189 35.51 38.04 -25.26
N PHE A 190 34.36 37.39 -25.32
CA PHE A 190 34.02 36.31 -24.40
C PHE A 190 33.62 35.03 -25.12
N SER A 191 33.42 33.99 -24.32
CA SER A 191 33.07 32.66 -24.81
C SER A 191 32.58 31.79 -23.65
N VAL A 192 31.70 30.84 -23.94
CA VAL A 192 31.12 29.96 -22.91
C VAL A 192 31.65 28.54 -23.02
N LEU A 193 32.24 28.06 -21.91
CA LEU A 193 32.65 26.66 -21.78
C LEU A 193 31.58 25.83 -21.10
N THR A 194 31.27 24.69 -21.69
CA THR A 194 30.23 23.83 -21.14
C THR A 194 30.69 22.38 -21.00
N CYS A 195 30.80 21.96 -19.75
CA CYS A 195 31.13 20.57 -19.41
C CYS A 195 29.83 19.82 -19.21
N SER A 196 29.74 18.63 -19.79
CA SER A 196 28.50 17.87 -19.79
C SER A 196 28.73 16.40 -19.41
N ALA A 197 27.90 15.91 -18.50
CA ALA A 197 27.92 14.52 -18.05
C ALA A 197 26.66 13.79 -18.52
N PHE A 198 26.85 12.72 -19.28
CA PHE A 198 25.73 11.96 -19.84
C PHE A 198 25.57 10.58 -19.19
N SER A 199 24.32 10.18 -19.00
CA SER A 199 23.95 8.82 -18.53
C SER A 199 24.80 8.32 -17.38
N PHE A 200 24.51 8.80 -16.18
CA PHE A 200 25.17 8.29 -14.98
C PHE A 200 24.16 7.92 -13.89
N TYR A 201 24.51 6.92 -13.10
CA TYR A 201 23.80 6.63 -11.85
C TYR A 201 24.88 6.18 -10.88
N PRO A 202 24.74 6.51 -9.58
CA PRO A 202 23.74 7.33 -8.88
C PRO A 202 23.85 8.81 -9.21
N PRO A 203 22.95 9.64 -8.68
CA PRO A 203 22.93 11.02 -9.15
C PRO A 203 23.94 11.94 -8.48
N GLU A 204 24.61 11.48 -7.42
CA GLU A 204 25.64 12.29 -6.76
C GLU A 204 26.79 12.48 -7.73
N LEU A 205 27.14 13.73 -8.00
CA LEU A 205 28.18 14.06 -8.99
C LEU A 205 28.53 15.55 -8.93
N GLN A 206 29.83 15.84 -8.96
CA GLN A 206 30.33 17.24 -9.00
C GLN A 206 31.13 17.55 -10.26
N LEU A 207 30.92 18.75 -10.77
CA LEU A 207 31.72 19.28 -11.89
C LEU A 207 32.51 20.48 -11.42
N ARG A 208 33.75 20.54 -11.89
CA ARG A 208 34.69 21.57 -11.49
C ARG A 208 35.49 22.05 -12.70
N PHE A 209 35.95 23.30 -12.65
CA PHE A 209 36.81 23.86 -13.70
C PHE A 209 38.21 24.20 -13.19
N LEU A 210 39.19 23.78 -13.97
CA LEU A 210 40.58 24.17 -13.77
C LEU A 210 41.10 25.03 -14.94
N ARG A 211 41.98 25.97 -14.63
CA ARG A 211 42.60 26.83 -15.65
C ARG A 211 44.12 26.83 -15.48
N ASN A 212 44.77 25.97 -16.26
CA ASN A 212 46.18 25.66 -16.05
C ASN A 212 46.36 25.11 -14.64
N GLY A 213 45.57 24.10 -14.31
CA GLY A 213 45.75 23.32 -13.08
C GLY A 213 45.28 23.94 -11.79
N LEU A 214 44.79 25.19 -11.87
CA LEU A 214 44.28 25.92 -10.69
C LEU A 214 42.78 26.19 -10.82
N ALA A 215 42.07 26.15 -9.69
CA ALA A 215 40.61 26.22 -9.67
C ALA A 215 40.03 27.55 -10.15
N ALA A 216 39.09 27.46 -11.09
CA ALA A 216 38.28 28.60 -11.51
C ALA A 216 36.85 28.44 -10.98
N GLY A 217 36.70 27.60 -9.95
CA GLY A 217 35.42 27.43 -9.26
C GLY A 217 34.46 26.54 -10.04
N THR A 218 33.17 26.83 -9.93
CA THR A 218 32.20 26.35 -10.90
C THR A 218 31.38 27.53 -11.30
N GLY A 219 30.73 27.41 -12.44
CA GLY A 219 29.72 28.37 -12.82
C GLY A 219 28.39 27.70 -12.60
N GLN A 220 27.44 28.12 -13.40
CA GLN A 220 26.06 27.62 -13.37
C GLN A 220 26.03 26.12 -13.64
N GLY A 221 25.54 25.38 -12.65
CA GLY A 221 25.31 23.96 -12.78
C GLY A 221 23.89 23.70 -13.21
N ASP A 222 23.69 22.58 -13.88
CA ASP A 222 22.38 22.12 -14.32
C ASP A 222 22.38 20.63 -14.17
N PHE A 223 21.23 20.13 -13.79
CA PHE A 223 21.14 18.78 -13.35
C PHE A 223 19.76 18.28 -13.73
N GLY A 224 19.69 17.03 -14.19
CA GLY A 224 18.43 16.44 -14.65
C GLY A 224 18.42 14.93 -14.86
N PRO A 225 17.24 14.37 -15.13
CA PRO A 225 17.11 12.95 -15.34
C PRO A 225 16.97 12.54 -16.79
N ASN A 226 17.38 11.32 -17.11
CA ASN A 226 17.05 10.72 -18.39
C ASN A 226 15.86 9.76 -18.23
N SER A 227 15.28 9.39 -19.35
CA SER A 227 14.09 8.53 -19.37
C SER A 227 14.25 7.24 -18.58
N ASP A 228 15.49 6.83 -18.38
CA ASP A 228 15.77 5.47 -17.95
C ASP A 228 16.25 5.35 -16.51
N GLY A 229 16.02 6.41 -15.73
CA GLY A 229 16.46 6.44 -14.33
C GLY A 229 17.87 6.97 -14.16
N SER A 230 18.65 6.96 -15.24
CA SER A 230 19.98 7.59 -15.24
C SER A 230 19.86 9.10 -15.14
N PHE A 231 21.01 9.75 -15.11
CA PHE A 231 21.05 11.21 -14.95
C PHE A 231 21.97 11.92 -15.89
N HIS A 232 21.76 13.22 -15.93
CA HIS A 232 22.45 14.12 -16.82
C HIS A 232 22.84 15.36 -16.06
N ALA A 233 24.03 15.86 -16.31
CA ALA A 233 24.47 17.11 -15.67
C ALA A 233 25.34 17.94 -16.59
N SER A 234 25.34 19.25 -16.37
CA SER A 234 26.21 20.14 -17.14
C SER A 234 26.57 21.37 -16.30
N SER A 235 27.76 21.92 -16.52
CA SER A 235 28.18 23.16 -15.84
C SER A 235 28.84 24.10 -16.83
N SER A 236 28.58 25.39 -16.67
CA SER A 236 28.99 26.40 -17.67
C SER A 236 29.73 27.60 -17.07
N LEU A 237 30.69 28.11 -17.85
CA LEU A 237 31.62 29.17 -17.39
C LEU A 237 31.98 30.19 -18.49
N THR A 238 31.90 31.48 -18.16
CA THR A 238 32.33 32.56 -19.07
C THR A 238 33.85 32.59 -19.12
N VAL A 239 34.41 32.93 -20.27
CA VAL A 239 35.85 32.81 -20.49
C VAL A 239 36.37 33.63 -21.68
N LYS A 240 37.46 34.37 -21.45
CA LYS A 240 38.13 35.12 -22.51
C LYS A 240 38.30 34.32 -23.80
N SER A 241 37.80 34.86 -24.90
CA SER A 241 37.98 34.22 -26.21
C SER A 241 39.46 34.07 -26.56
N GLY A 242 39.81 32.94 -27.18
CA GLY A 242 41.20 32.61 -27.51
C GLY A 242 41.96 31.95 -26.36
N ASP A 243 41.46 32.12 -25.14
CA ASP A 243 42.05 31.53 -23.93
C ASP A 243 41.42 30.17 -23.56
N GLU A 244 40.74 29.56 -24.52
CA GLU A 244 39.88 28.39 -24.26
C GLU A 244 40.65 27.10 -23.98
N HIS A 245 41.71 26.86 -24.75
CA HIS A 245 42.42 25.57 -24.68
C HIS A 245 43.20 25.41 -23.40
N HIS A 246 43.19 26.47 -22.59
CA HIS A 246 43.92 26.48 -21.30
C HIS A 246 43.13 25.80 -20.23
N TYR A 247 41.81 25.85 -20.35
CA TYR A 247 40.91 25.22 -19.39
C TYR A 247 40.68 23.73 -19.64
N CYS A 248 40.57 22.98 -18.56
CA CYS A 248 39.95 21.64 -18.57
C CYS A 248 38.83 21.55 -17.50
N CYS A 249 38.22 20.36 -17.38
CA CYS A 249 37.05 20.12 -16.51
C CYS A 249 37.22 18.79 -15.76
N ILE A 250 37.02 18.81 -14.44
CA ILE A 250 37.19 17.61 -13.61
C ILE A 250 35.85 17.12 -13.02
N VAL A 251 35.69 15.80 -12.99
CA VAL A 251 34.42 15.19 -12.56
C VAL A 251 34.59 14.09 -11.49
N GLN A 252 33.90 14.28 -10.36
CA GLN A 252 33.84 13.29 -9.26
C GLN A 252 32.53 12.50 -9.30
N HIS A 253 32.58 11.20 -9.00
CA HIS A 253 31.39 10.33 -9.07
C HIS A 253 31.61 8.91 -8.62
N ALA A 254 30.71 8.41 -7.77
CA ALA A 254 30.73 7.03 -7.22
C ALA A 254 31.10 5.90 -8.19
N GLY A 255 30.75 6.06 -9.47
CA GLY A 255 31.05 5.06 -10.50
C GLY A 255 32.42 5.16 -11.15
N LEU A 256 33.31 5.98 -10.55
CA LEU A 256 34.69 6.19 -11.03
C LEU A 256 35.69 6.05 -9.86
N ALA A 257 36.67 5.17 -10.01
CA ALA A 257 37.66 4.90 -8.96
C ALA A 257 38.39 6.17 -8.50
N GLN A 258 38.70 7.05 -9.45
CA GLN A 258 39.26 8.37 -9.15
C GLN A 258 38.78 9.44 -10.14
N PRO A 259 38.80 10.72 -9.73
CA PRO A 259 38.30 11.85 -10.53
C PRO A 259 38.88 11.89 -11.94
N LEU A 260 38.05 12.27 -12.90
CA LEU A 260 38.44 12.26 -14.33
C LEU A 260 38.71 13.67 -14.86
N ARG A 261 39.88 13.83 -15.47
CA ARG A 261 40.24 15.06 -16.16
C ARG A 261 39.71 14.98 -17.59
N VAL A 262 38.90 15.97 -17.95
CA VAL A 262 38.25 16.02 -19.27
C VAL A 262 38.75 17.17 -20.15
N GLU A 263 39.48 16.80 -21.19
CA GLU A 263 40.07 17.79 -22.13
C GLU A 263 39.05 18.34 -23.11
N LEU A 264 39.47 19.36 -23.85
CA LEU A 264 38.59 20.07 -24.80
C LEU A 264 38.64 19.45 -26.20
N ILE B 1 3.64 29.78 -3.67
CA ILE B 1 2.19 29.55 -3.97
C ILE B 1 1.85 29.73 -5.46
N GLN B 2 2.75 30.35 -6.20
CA GLN B 2 2.69 30.29 -7.68
C GLN B 2 4.06 30.45 -8.30
N ARG B 3 4.56 29.38 -8.90
CA ARG B 3 5.96 29.31 -9.37
C ARG B 3 6.13 29.05 -10.86
N THR B 4 7.19 29.63 -11.43
CA THR B 4 7.39 29.58 -12.87
C THR B 4 8.35 28.47 -13.26
N PRO B 5 8.11 27.81 -14.40
CA PRO B 5 8.91 26.63 -14.70
C PRO B 5 10.33 26.90 -15.07
N LYS B 6 11.14 25.88 -14.88
CA LYS B 6 12.54 25.87 -15.32
C LYS B 6 12.69 24.77 -16.34
N ILE B 7 13.09 25.17 -17.54
CA ILE B 7 13.15 24.28 -18.69
C ILE B 7 14.58 23.93 -19.10
N GLN B 8 14.95 22.67 -18.91
CA GLN B 8 16.20 22.15 -19.46
C GLN B 8 15.94 21.22 -20.63
N VAL B 9 16.71 21.38 -21.71
CA VAL B 9 16.69 20.44 -22.84
C VAL B 9 18.08 19.89 -23.10
N TYR B 10 18.18 18.58 -23.16
CA TYR B 10 19.47 17.89 -23.32
C TYR B 10 19.27 16.47 -23.89
N SER B 11 20.26 15.97 -24.61
CA SER B 11 20.19 14.59 -25.11
C SER B 11 20.65 13.60 -24.05
N ARG B 12 20.22 12.35 -24.18
CA ARG B 12 20.53 11.33 -23.20
C ARG B 12 21.96 10.86 -23.29
N HIS B 13 22.38 10.67 -24.54
CA HIS B 13 23.75 10.29 -24.91
C HIS B 13 24.40 11.40 -25.68
N PRO B 14 25.75 11.40 -25.75
CA PRO B 14 26.35 12.47 -26.52
C PRO B 14 25.85 12.48 -27.95
N ALA B 15 25.54 13.68 -28.42
CA ALA B 15 24.94 13.88 -29.75
C ALA B 15 25.93 13.51 -30.84
N GLU B 16 25.56 12.53 -31.65
CA GLU B 16 26.28 12.24 -32.89
C GLU B 16 25.32 12.09 -34.04
N ASN B 17 25.51 12.93 -35.05
CA ASN B 17 24.63 12.94 -36.22
C ASN B 17 24.55 11.56 -36.86
N GLY B 18 23.33 11.13 -37.14
CA GLY B 18 23.08 9.82 -37.76
C GLY B 18 23.00 8.62 -36.82
N LYS B 19 23.38 8.81 -35.56
CA LYS B 19 23.25 7.76 -34.52
C LYS B 19 22.06 7.99 -33.58
N SER B 20 21.41 6.90 -33.20
CA SER B 20 20.16 6.96 -32.45
C SER B 20 20.39 7.41 -31.04
N ASN B 21 19.41 8.17 -30.55
CA ASN B 21 19.50 8.82 -29.26
C ASN B 21 18.11 9.08 -28.67
N PHE B 22 18.09 9.76 -27.54
CA PHE B 22 16.87 10.29 -26.94
C PHE B 22 17.08 11.77 -26.65
N LEU B 23 16.04 12.55 -26.89
CA LEU B 23 16.03 13.96 -26.49
C LEU B 23 15.15 14.08 -25.26
N ASN B 24 15.68 14.69 -24.21
CA ASN B 24 14.89 14.95 -23.00
C ASN B 24 14.53 16.41 -22.90
N CYS B 25 13.36 16.66 -22.34
CA CYS B 25 13.00 18.00 -21.87
C CYS B 25 12.52 17.85 -20.44
N TYR B 26 13.12 18.63 -19.56
CA TYR B 26 12.91 18.50 -18.12
C TYR B 26 12.37 19.78 -17.51
N VAL B 27 11.05 19.83 -17.42
CA VAL B 27 10.33 20.97 -16.87
C VAL B 27 10.23 20.77 -15.35
N SER B 28 10.59 21.81 -14.59
CA SER B 28 10.78 21.69 -13.13
C SER B 28 10.59 22.98 -12.34
N GLY B 29 10.26 22.80 -11.06
CA GLY B 29 10.22 23.91 -10.12
C GLY B 29 8.99 24.80 -10.23
N PHE B 30 7.92 24.22 -10.77
CA PHE B 30 6.67 24.95 -11.04
C PHE B 30 5.52 24.58 -10.13
N HIS B 31 4.57 25.49 -10.06
CA HIS B 31 3.37 25.35 -9.25
C HIS B 31 2.36 26.31 -9.81
N PRO B 32 1.13 25.88 -10.06
CA PRO B 32 0.52 24.61 -9.79
C PRO B 32 0.77 23.62 -10.90
N SER B 33 0.16 22.45 -10.77
CA SER B 33 0.54 21.27 -11.54
C SER B 33 0.16 21.23 -13.03
N ASP B 34 -0.82 22.05 -13.44
CA ASP B 34 -1.23 22.07 -14.87
C ASP B 34 -0.17 22.68 -15.72
N ILE B 35 0.24 21.95 -16.74
CA ILE B 35 1.32 22.38 -17.60
C ILE B 35 1.19 21.67 -18.93
N GLU B 36 1.47 22.38 -20.00
CA GLU B 36 1.43 21.79 -21.33
C GLU B 36 2.84 21.81 -21.90
N VAL B 37 3.41 20.64 -22.12
CA VAL B 37 4.76 20.57 -22.64
C VAL B 37 4.79 19.81 -23.93
N ASP B 38 5.33 20.47 -24.94
CA ASP B 38 5.41 19.93 -26.28
C ASP B 38 6.84 20.00 -26.75
N LEU B 39 7.31 18.91 -27.33
CA LEU B 39 8.62 18.89 -27.98
C LEU B 39 8.42 19.28 -29.43
N LEU B 40 9.34 20.09 -29.96
CA LEU B 40 9.24 20.59 -31.32
C LEU B 40 10.37 20.12 -32.21
N LYS B 41 10.01 19.47 -33.32
CA LYS B 41 10.94 19.26 -34.43
C LYS B 41 10.70 20.31 -35.50
N ASN B 42 11.73 21.08 -35.79
CA ASN B 42 11.65 22.13 -36.79
C ASN B 42 10.33 22.87 -36.67
N GLY B 43 10.07 23.36 -35.46
CA GLY B 43 8.91 24.22 -35.23
C GLY B 43 7.57 23.54 -35.10
N GLU B 44 7.49 22.25 -35.44
CA GLU B 44 6.22 21.52 -35.35
C GLU B 44 6.30 20.35 -34.37
N ARG B 45 5.19 20.08 -33.70
CA ARG B 45 5.22 19.16 -32.56
C ARG B 45 5.36 17.70 -32.96
N ILE B 46 6.14 16.97 -32.17
CA ILE B 46 6.34 15.53 -32.34
C ILE B 46 5.19 14.76 -31.69
N GLU B 47 4.79 13.65 -32.29
CA GLU B 47 3.63 12.91 -31.76
C GLU B 47 4.04 11.66 -30.96
N LYS B 48 5.28 11.19 -31.10
CA LYS B 48 5.77 10.10 -30.22
C LYS B 48 6.54 10.54 -29.02
N VAL B 49 6.03 11.57 -28.39
CA VAL B 49 6.60 12.06 -27.16
C VAL B 49 6.01 11.25 -26.01
N GLU B 50 6.86 10.51 -25.31
CA GLU B 50 6.48 9.92 -24.03
C GLU B 50 6.93 10.84 -22.88
N HIS B 51 6.36 10.63 -21.70
CA HIS B 51 6.68 11.44 -20.55
C HIS B 51 6.45 10.75 -19.25
N SER B 52 7.26 11.11 -18.28
CA SER B 52 7.25 10.46 -16.98
C SER B 52 6.10 10.94 -16.11
N ASP B 53 5.96 10.29 -14.97
CA ASP B 53 4.93 10.66 -14.02
C ASP B 53 5.14 12.04 -13.46
N LEU B 54 4.06 12.78 -13.33
CA LEU B 54 4.07 14.10 -12.68
C LEU B 54 4.43 13.95 -11.19
N SER B 55 5.55 14.51 -10.79
CA SER B 55 6.02 14.41 -9.39
C SER B 55 6.44 15.77 -8.79
N PHE B 56 6.85 15.75 -7.53
CA PHE B 56 7.32 16.98 -6.88
C PHE B 56 8.54 16.79 -5.99
N SER B 57 9.20 17.91 -5.71
CA SER B 57 10.49 17.92 -5.00
C SER B 57 10.37 18.26 -3.55
N LYS B 58 11.50 18.09 -2.86
CA LYS B 58 11.62 18.43 -1.46
C LYS B 58 10.96 19.78 -1.14
N ASP B 59 11.10 20.74 -2.06
CA ASP B 59 10.52 22.08 -1.87
C ASP B 59 9.07 22.22 -2.39
N TRP B 60 8.42 21.09 -2.58
CA TRP B 60 7.01 21.00 -3.05
C TRP B 60 6.70 21.44 -4.45
N SER B 61 7.69 21.98 -5.16
CA SER B 61 7.47 22.36 -6.53
C SER B 61 7.43 21.14 -7.43
N PHE B 62 6.55 21.16 -8.41
CA PHE B 62 6.35 20.03 -9.33
C PHE B 62 7.42 19.98 -10.42
N TYR B 63 7.55 18.78 -11.01
CA TYR B 63 8.51 18.54 -12.09
C TYR B 63 8.10 17.34 -12.93
N LEU B 64 8.73 17.21 -14.09
CA LEU B 64 8.23 16.33 -15.16
C LEU B 64 9.30 16.10 -16.23
N LEU B 65 9.43 14.88 -16.71
CA LEU B 65 10.36 14.60 -17.83
C LEU B 65 9.62 14.21 -19.09
N TYR B 66 9.72 15.04 -20.13
CA TYR B 66 9.24 14.66 -21.46
C TYR B 66 10.42 14.21 -22.27
N TYR B 67 10.23 13.20 -23.09
CA TYR B 67 11.33 12.63 -23.86
C TYR B 67 10.86 11.88 -25.08
N THR B 68 11.71 11.91 -26.11
CA THR B 68 11.42 11.27 -27.39
C THR B 68 12.67 10.58 -27.91
N GLU B 69 12.49 9.46 -28.58
CA GLU B 69 13.60 8.87 -29.33
C GLU B 69 13.76 9.65 -30.60
N PHE B 70 15.00 9.75 -31.07
CA PHE B 70 15.32 10.53 -32.27
C PHE B 70 16.73 10.26 -32.75
N THR B 71 16.96 10.50 -34.03
CA THR B 71 18.30 10.44 -34.58
C THR B 71 18.65 11.80 -35.17
N PRO B 72 19.50 12.57 -34.47
CA PRO B 72 19.73 13.94 -34.86
C PRO B 72 20.43 13.97 -36.18
N THR B 73 20.14 15.01 -36.92
CA THR B 73 20.89 15.29 -38.13
C THR B 73 21.38 16.71 -38.00
N GLU B 74 22.35 17.06 -38.83
CA GLU B 74 22.96 18.38 -38.78
C GLU B 74 21.93 19.47 -39.02
N LYS B 75 21.00 19.20 -39.94
CA LYS B 75 20.05 20.21 -40.44
C LYS B 75 18.93 20.51 -39.45
N ASP B 76 18.40 19.43 -38.87
CA ASP B 76 17.28 19.47 -37.94
C ASP B 76 17.48 20.39 -36.72
N GLU B 77 16.41 21.10 -36.38
CA GLU B 77 16.38 21.96 -35.20
C GLU B 77 15.29 21.55 -34.24
N TYR B 78 15.66 21.39 -32.97
CA TYR B 78 14.68 21.01 -31.95
C TYR B 78 14.50 22.09 -30.89
N ALA B 79 13.40 21.97 -30.15
CA ALA B 79 13.04 22.93 -29.10
C ALA B 79 11.98 22.38 -28.17
N CYS B 80 11.88 22.97 -26.97
CA CYS B 80 10.87 22.58 -26.00
C CYS B 80 9.94 23.72 -25.73
N ARG B 81 8.64 23.44 -25.80
CA ARG B 81 7.62 24.47 -25.62
C ARG B 81 6.69 24.16 -24.47
N VAL B 82 6.66 25.08 -23.53
CA VAL B 82 5.94 24.94 -22.27
C VAL B 82 4.90 26.05 -22.13
N ASN B 83 3.65 25.70 -21.84
CA ASN B 83 2.68 26.70 -21.34
C ASN B 83 2.30 26.39 -19.89
N HIS B 84 2.01 27.45 -19.16
CA HIS B 84 1.70 27.34 -17.75
C HIS B 84 1.10 28.61 -17.23
N VAL B 85 0.23 28.47 -16.25
CA VAL B 85 -0.48 29.63 -15.70
C VAL B 85 0.42 30.85 -15.58
N THR B 86 1.67 30.65 -15.15
CA THR B 86 2.58 31.78 -14.86
C THR B 86 3.26 32.42 -16.05
N LEU B 87 2.89 31.97 -17.25
CA LEU B 87 3.55 32.42 -18.47
C LEU B 87 2.63 33.17 -19.40
N SER B 88 2.99 34.44 -19.63
CA SER B 88 2.35 35.34 -20.62
C SER B 88 1.90 34.62 -21.88
N GLN B 89 2.77 33.74 -22.34
CA GLN B 89 2.59 33.04 -23.59
C GLN B 89 3.57 31.87 -23.62
N PRO B 90 3.27 30.84 -24.42
CA PRO B 90 4.19 29.72 -24.47
C PRO B 90 5.64 30.15 -24.49
N LYS B 91 6.44 29.52 -23.64
CA LYS B 91 7.88 29.72 -23.67
C LYS B 91 8.49 28.59 -24.43
N ILE B 92 9.43 28.96 -25.29
CA ILE B 92 10.10 28.02 -26.17
C ILE B 92 11.59 28.05 -25.85
N VAL B 93 12.16 26.90 -25.52
CA VAL B 93 13.59 26.78 -25.28
C VAL B 93 14.23 25.94 -26.36
N LYS B 94 15.29 26.48 -26.95
CA LYS B 94 15.96 25.84 -28.08
C LYS B 94 16.96 24.86 -27.52
N TRP B 95 17.10 23.71 -28.17
CA TRP B 95 18.03 22.68 -27.70
C TRP B 95 19.42 23.04 -28.09
N ASP B 96 20.16 23.58 -27.14
CA ASP B 96 21.58 23.83 -27.38
C ASP B 96 22.29 22.47 -27.39
N ARG B 97 23.00 22.25 -28.49
CA ARG B 97 23.79 21.02 -28.74
C ARG B 97 24.84 20.69 -27.67
N ASP B 98 25.40 21.74 -27.08
CA ASP B 98 26.55 21.62 -26.17
C ASP B 98 26.22 21.13 -24.78
N MET B 99 24.99 21.41 -24.35
CA MET B 99 24.59 21.28 -22.95
C MET B 99 23.81 20.01 -22.63
N HIS C 1 -15.60 -27.29 38.59
CA HIS C 1 -14.24 -26.90 39.07
C HIS C 1 -14.11 -25.41 39.06
N LYS C 2 -13.53 -24.87 40.12
CA LYS C 2 -13.40 -23.42 40.30
C LYS C 2 -12.41 -22.79 39.32
N SER C 3 -11.37 -23.56 38.97
CA SER C 3 -10.28 -23.05 38.15
C SER C 3 -10.16 -23.82 36.84
N GLU C 4 -10.28 -23.11 35.71
CA GLU C 4 -10.12 -23.74 34.39
C GLU C 4 -8.65 -24.09 34.12
N VAL C 5 -7.74 -23.20 34.52
CA VAL C 5 -6.30 -23.45 34.30
C VAL C 5 -5.92 -24.77 34.95
N ALA C 6 -6.46 -24.98 36.14
CA ALA C 6 -6.18 -26.19 36.93
C ALA C 6 -6.67 -27.42 36.18
N HIS C 7 -7.94 -27.40 35.80
CA HIS C 7 -8.59 -28.51 35.07
C HIS C 7 -7.76 -29.00 33.92
N ARG C 8 -7.40 -28.07 33.02
CA ARG C 8 -6.68 -28.42 31.79
C ARG C 8 -5.33 -29.06 32.13
N PHE C 9 -4.58 -28.37 32.98
CA PHE C 9 -3.25 -28.82 33.37
C PHE C 9 -3.31 -30.27 33.84
N LYS C 10 -4.27 -30.56 34.70
CA LYS C 10 -4.51 -31.93 35.21
C LYS C 10 -4.73 -32.89 34.04
N ASP C 11 -5.76 -32.60 33.24
CA ASP C 11 -6.18 -33.45 32.13
C ASP C 11 -5.08 -33.69 31.08
N LEU C 12 -4.45 -32.61 30.63
CA LEU C 12 -3.50 -32.68 29.52
C LEU C 12 -2.13 -33.17 29.94
N GLY C 13 -1.85 -32.99 31.22
CA GLY C 13 -0.50 -33.20 31.74
C GLY C 13 0.41 -32.03 31.44
N GLU C 14 1.51 -31.95 32.20
CA GLU C 14 2.43 -30.81 32.14
C GLU C 14 3.07 -30.58 30.78
N GLU C 15 3.58 -31.64 30.16
CA GLU C 15 4.41 -31.47 28.96
C GLU C 15 3.60 -30.98 27.77
N ASN C 16 2.38 -31.49 27.66
CA ASN C 16 1.45 -31.10 26.59
C ASN C 16 1.00 -29.66 26.80
N PHE C 17 0.69 -29.35 28.04
CA PHE C 17 0.27 -28.02 28.49
C PHE C 17 1.28 -26.96 28.02
N LYS C 18 2.52 -27.15 28.46
CA LYS C 18 3.62 -26.22 28.13
C LYS C 18 3.75 -26.06 26.64
N ALA C 19 3.54 -27.16 25.91
CA ALA C 19 3.62 -27.14 24.45
C ALA C 19 2.50 -26.30 23.85
N LEU C 20 1.28 -26.60 24.28
CA LEU C 20 0.10 -25.93 23.74
C LEU C 20 0.13 -24.43 24.03
N VAL C 21 0.52 -24.08 25.25
CA VAL C 21 0.69 -22.66 25.60
C VAL C 21 1.72 -22.00 24.70
N LEU C 22 2.85 -22.68 24.47
CA LEU C 22 3.91 -22.14 23.61
C LEU C 22 3.40 -21.93 22.20
N ILE C 23 2.58 -22.87 21.75
CA ILE C 23 1.95 -22.71 20.43
C ILE C 23 1.09 -21.46 20.51
N ALA C 24 0.23 -21.39 21.53
CA ALA C 24 -0.69 -20.27 21.69
C ALA C 24 0.00 -18.94 21.45
N PHE C 25 1.08 -18.71 22.17
CA PHE C 25 1.79 -17.42 22.11
C PHE C 25 2.46 -17.22 20.74
N ALA C 26 3.06 -18.28 20.22
CA ALA C 26 3.69 -18.26 18.88
C ALA C 26 2.69 -17.80 17.83
N GLN C 27 1.50 -18.39 17.87
CA GLN C 27 0.46 -18.09 16.89
C GLN C 27 0.01 -16.62 16.99
N TYR C 28 -0.10 -16.06 18.20
CA TYR C 28 -0.48 -14.64 18.38
C TYR C 28 0.67 -13.67 18.09
N LEU C 29 1.78 -13.88 18.79
CA LEU C 29 2.96 -13.02 18.66
C LEU C 29 4.02 -13.68 17.79
N GLN C 30 3.91 -13.47 16.49
CA GLN C 30 4.76 -14.21 15.52
C GLN C 30 6.24 -13.78 15.40
N GLN C 31 6.64 -12.69 16.03
CA GLN C 31 8.03 -12.16 15.90
C GLN C 31 8.79 -11.98 17.19
N CYS C 32 8.08 -11.97 18.31
CA CYS C 32 8.67 -12.07 19.65
C CYS C 32 9.69 -13.19 19.53
N PRO C 33 10.97 -12.91 19.84
CA PRO C 33 12.01 -13.94 19.83
C PRO C 33 11.68 -15.12 20.72
N PHE C 34 12.26 -16.26 20.37
CA PHE C 34 11.95 -17.55 21.01
C PHE C 34 12.09 -17.50 22.54
N GLU C 35 13.18 -16.87 23.00
CA GLU C 35 13.56 -16.89 24.42
C GLU C 35 12.44 -16.32 25.28
N ASP C 36 11.84 -15.27 24.76
CA ASP C 36 10.76 -14.51 25.42
C ASP C 36 9.52 -15.37 25.64
N HIS C 37 9.12 -16.08 24.60
CA HIS C 37 7.98 -17.01 24.67
C HIS C 37 8.19 -18.00 25.77
N VAL C 38 9.40 -18.54 25.85
CA VAL C 38 9.73 -19.57 26.87
C VAL C 38 9.54 -18.99 28.29
N LYS C 39 9.93 -17.73 28.48
CA LYS C 39 9.74 -17.09 29.78
C LYS C 39 8.24 -16.99 30.08
N LEU C 40 7.52 -16.48 29.10
CA LEU C 40 6.05 -16.33 29.19
C LEU C 40 5.39 -17.67 29.47
N VAL C 41 5.78 -18.70 28.72
CA VAL C 41 5.18 -20.03 28.90
C VAL C 41 5.47 -20.53 30.31
N ASN C 42 6.71 -20.36 30.73
CA ASN C 42 7.17 -20.86 32.04
C ASN C 42 6.50 -20.13 33.20
N GLU C 43 6.25 -18.83 33.00
CA GLU C 43 5.50 -18.03 33.97
C GLU C 43 4.06 -18.55 34.13
N VAL C 44 3.39 -18.72 32.99
CA VAL C 44 1.99 -19.18 32.94
C VAL C 44 1.85 -20.60 33.52
N THR C 45 2.83 -21.45 33.23
CA THR C 45 2.86 -22.81 33.78
C THR C 45 2.93 -22.77 35.30
N GLU C 46 3.94 -22.05 35.79
CA GLU C 46 4.21 -21.98 37.22
C GLU C 46 3.05 -21.40 38.00
N PHE C 47 2.35 -20.44 37.38
CA PHE C 47 1.09 -19.94 37.93
C PHE C 47 0.07 -21.07 38.02
N ALA C 48 -0.03 -21.86 36.96
CA ALA C 48 -0.99 -22.97 36.92
C ALA C 48 -0.74 -23.96 38.04
N LYS C 49 0.53 -24.29 38.26
CA LYS C 49 0.93 -25.27 39.29
C LYS C 49 0.39 -24.87 40.66
N THR C 50 0.28 -23.57 40.89
CA THR C 50 -0.22 -23.03 42.16
C THR C 50 -1.74 -23.08 42.28
N CYS C 51 -2.42 -23.48 41.20
CA CYS C 51 -3.88 -23.70 41.22
C CYS C 51 -4.20 -25.19 41.26
N VAL C 52 -3.34 -25.99 40.63
CA VAL C 52 -3.40 -27.44 40.81
C VAL C 52 -3.20 -27.73 42.29
N ALA C 53 -2.34 -26.93 42.91
CA ALA C 53 -2.11 -26.96 44.35
C ALA C 53 -3.34 -26.50 45.14
N ASP C 54 -3.72 -25.22 44.99
CA ASP C 54 -4.91 -24.68 45.66
C ASP C 54 -5.84 -23.97 44.66
N GLU C 55 -6.96 -24.61 44.37
CA GLU C 55 -7.92 -24.13 43.35
C GLU C 55 -8.62 -22.81 43.71
N SER C 56 -8.49 -22.38 44.96
CA SER C 56 -9.12 -21.14 45.42
C SER C 56 -8.12 -19.99 45.54
N ALA C 57 -6.85 -20.28 45.25
CA ALA C 57 -5.78 -19.27 45.31
C ALA C 57 -6.02 -18.07 44.39
N GLU C 58 -5.27 -17.01 44.66
CA GLU C 58 -5.41 -15.71 43.97
C GLU C 58 -5.35 -15.82 42.44
N ASN C 59 -6.45 -15.41 41.80
CA ASN C 59 -6.54 -15.28 40.33
C ASN C 59 -6.91 -16.55 39.55
N CYS C 60 -6.90 -17.71 40.20
CA CYS C 60 -7.14 -18.99 39.48
C CYS C 60 -8.57 -19.12 38.93
N ASP C 61 -9.46 -18.28 39.46
CA ASP C 61 -10.86 -18.22 38.97
C ASP C 61 -10.99 -17.62 37.56
N LYS C 62 -9.99 -16.85 37.15
CA LYS C 62 -10.05 -16.13 35.86
C LYS C 62 -10.08 -17.08 34.66
N SER C 63 -10.66 -16.57 33.58
CA SER C 63 -10.73 -17.35 32.34
C SER C 63 -9.36 -17.38 31.68
N LEU C 64 -9.19 -18.37 30.82
CA LEU C 64 -7.94 -18.56 30.06
C LEU C 64 -7.64 -17.33 29.22
N HIS C 65 -8.69 -16.72 28.67
CA HIS C 65 -8.52 -15.57 27.80
C HIS C 65 -8.00 -14.38 28.54
N THR C 66 -8.55 -14.12 29.72
CA THR C 66 -8.05 -13.02 30.56
C THR C 66 -6.56 -13.20 30.90
N LEU C 67 -6.18 -14.44 31.21
CA LEU C 67 -4.81 -14.73 31.65
C LEU C 67 -3.77 -14.59 30.53
N PHE C 68 -4.10 -15.17 29.39
CA PHE C 68 -3.24 -15.12 28.19
C PHE C 68 -3.20 -13.69 27.65
N GLY C 69 -4.35 -13.03 27.70
CA GLY C 69 -4.45 -11.60 27.43
C GLY C 69 -3.57 -10.75 28.31
N ASP C 70 -3.94 -10.65 29.58
CA ASP C 70 -3.11 -9.95 30.57
C ASP C 70 -1.63 -10.05 30.24
N LYS C 71 -1.20 -11.26 29.93
CA LYS C 71 0.21 -11.59 29.67
C LYS C 71 0.75 -11.02 28.34
N LEU C 72 -0.07 -11.05 27.29
CA LEU C 72 0.34 -10.58 25.94
C LEU C 72 0.56 -9.07 25.90
N CYS C 73 -0.14 -8.37 26.80
CA CYS C 73 -0.01 -6.91 26.95
C CYS C 73 1.16 -6.50 27.84
N THR C 74 1.82 -7.50 28.44
CA THR C 74 3.15 -7.29 29.06
C THR C 74 4.11 -6.62 28.04
N VAL C 75 4.16 -7.19 26.82
CA VAL C 75 4.90 -6.61 25.68
C VAL C 75 4.07 -5.48 25.08
N ALA C 76 4.36 -4.23 25.48
CA ALA C 76 3.64 -3.03 25.01
C ALA C 76 4.13 -2.54 23.64
N THR C 77 5.42 -2.76 23.37
CA THR C 77 6.06 -2.36 22.09
C THR C 77 5.20 -2.70 20.89
N LEU C 78 4.49 -3.82 21.03
CA LEU C 78 3.62 -4.43 20.00
C LEU C 78 3.52 -3.65 18.69
N ARG C 79 3.17 -2.38 18.80
CA ARG C 79 3.00 -1.50 17.64
C ARG C 79 4.25 -1.42 16.77
N GLU C 80 5.37 -1.14 17.43
CA GLU C 80 6.65 -0.94 16.75
C GLU C 80 7.07 -2.21 16.01
N THR C 81 6.69 -3.35 16.57
CA THR C 81 7.13 -4.67 16.06
C THR C 81 6.01 -5.55 15.45
N TYR C 82 4.74 -5.15 15.62
CA TYR C 82 3.55 -5.88 15.04
C TYR C 82 2.45 -5.05 14.33
N GLY C 83 2.22 -3.83 14.82
CA GLY C 83 1.26 -2.91 14.22
C GLY C 83 -0.09 -2.90 14.91
N GLU C 84 -1.15 -2.94 14.10
CA GLU C 84 -2.54 -2.79 14.60
C GLU C 84 -2.92 -3.79 15.73
N MET C 85 -2.00 -4.70 16.05
CA MET C 85 -2.07 -5.56 17.25
C MET C 85 -2.22 -4.77 18.55
N ALA C 86 -1.45 -3.70 18.69
CA ALA C 86 -1.40 -2.91 19.94
C ALA C 86 -2.76 -2.33 20.29
N ASP C 87 -3.49 -1.94 19.25
CA ASP C 87 -4.88 -1.47 19.34
C ASP C 87 -5.75 -2.40 20.19
N CYS C 88 -5.36 -3.67 20.26
CA CYS C 88 -6.16 -4.70 20.95
C CYS C 88 -5.96 -4.65 22.44
N CYS C 89 -4.73 -4.36 22.86
CA CYS C 89 -4.44 -4.28 24.30
C CYS C 89 -5.27 -3.17 24.95
N ALA C 90 -5.66 -2.21 24.13
CA ALA C 90 -6.63 -1.19 24.50
C ALA C 90 -7.93 -1.78 25.08
N LYS C 91 -8.44 -2.84 24.43
CA LYS C 91 -9.80 -3.35 24.72
C LYS C 91 -9.87 -4.30 25.93
N GLN C 92 -11.09 -4.67 26.27
CA GLN C 92 -11.38 -5.61 27.37
C GLN C 92 -12.09 -6.85 26.85
N GLU C 93 -11.93 -7.95 27.59
CA GLU C 93 -12.57 -9.22 27.22
C GLU C 93 -14.09 -9.02 27.19
N PRO C 94 -14.78 -9.64 26.21
CA PRO C 94 -14.33 -10.58 25.17
C PRO C 94 -13.89 -9.98 23.84
N GLU C 95 -14.17 -8.70 23.61
CA GLU C 95 -13.81 -7.99 22.34
C GLU C 95 -12.31 -8.07 22.02
N ARG C 96 -11.53 -8.16 23.10
CA ARG C 96 -10.06 -8.16 23.05
C ARG C 96 -9.52 -9.37 22.28
N ASN C 97 -9.98 -10.55 22.68
CA ASN C 97 -9.56 -11.79 22.01
C ASN C 97 -9.97 -11.87 20.52
N GLU C 98 -11.11 -11.28 20.18
CA GLU C 98 -11.62 -11.27 18.78
C GLU C 98 -10.68 -10.43 17.92
N CYS C 99 -10.16 -9.41 18.58
CA CYS C 99 -9.21 -8.49 17.98
C CYS C 99 -7.94 -9.26 17.63
N PHE C 100 -7.36 -9.88 18.66
CA PHE C 100 -6.13 -10.68 18.50
C PHE C 100 -6.26 -11.72 17.39
N LEU C 101 -7.47 -12.25 17.25
CA LEU C 101 -7.76 -13.27 16.24
C LEU C 101 -7.77 -12.73 14.82
N GLN C 102 -8.29 -11.52 14.65
CA GLN C 102 -8.22 -10.87 13.31
C GLN C 102 -6.80 -10.53 12.89
N HIS C 103 -5.98 -10.25 13.89
CA HIS C 103 -4.60 -9.78 13.66
C HIS C 103 -3.60 -10.88 13.83
N LYS C 104 -3.95 -12.02 13.25
CA LYS C 104 -3.01 -13.11 13.02
C LYS C 104 -2.81 -13.12 11.51
N ASP C 105 -1.56 -13.27 11.07
CA ASP C 105 -1.29 -13.50 9.65
C ASP C 105 -1.82 -12.32 8.84
N ASP C 106 -1.60 -11.11 9.39
CA ASP C 106 -1.56 -9.87 8.61
C ASP C 106 -0.26 -9.96 7.83
N ASN C 107 0.75 -10.42 8.58
CA ASN C 107 2.05 -10.80 8.03
C ASN C 107 2.15 -12.31 7.78
N PRO C 108 1.71 -12.80 6.59
CA PRO C 108 2.29 -14.11 6.31
C PRO C 108 3.81 -13.92 6.16
N ASN C 109 4.11 -12.83 5.45
CA ASN C 109 5.41 -12.53 4.81
C ASN C 109 6.57 -12.33 5.80
N LEU C 110 6.96 -13.46 6.37
CA LEU C 110 8.04 -13.55 7.36
C LEU C 110 9.26 -14.31 6.78
N PRO C 111 10.50 -13.88 7.14
CA PRO C 111 11.71 -14.60 6.69
C PRO C 111 11.58 -16.13 6.54
N ARG C 112 12.18 -16.69 5.48
CA ARG C 112 12.17 -18.15 5.28
C ARG C 112 13.12 -18.86 6.24
N LEU C 113 12.84 -20.15 6.49
CA LEU C 113 13.64 -21.01 7.37
C LEU C 113 14.71 -21.79 6.58
N VAL C 114 15.90 -21.21 6.49
CA VAL C 114 17.07 -21.96 6.01
C VAL C 114 17.44 -23.02 7.06
N ARG C 115 17.35 -24.29 6.66
CA ARG C 115 17.79 -25.41 7.51
C ARG C 115 19.30 -25.35 7.79
N PRO C 116 19.71 -25.45 9.07
CA PRO C 116 21.11 -25.69 9.35
C PRO C 116 21.60 -27.02 8.75
N GLU C 117 22.92 -27.20 8.76
CA GLU C 117 23.53 -28.42 8.21
C GLU C 117 23.30 -29.61 9.13
N VAL C 118 23.02 -30.75 8.51
CA VAL C 118 22.51 -31.97 9.17
C VAL C 118 23.29 -32.31 10.45
N ASP C 119 24.60 -32.08 10.40
CA ASP C 119 25.47 -32.40 11.54
C ASP C 119 25.31 -31.41 12.68
N VAL C 120 25.16 -30.13 12.34
CA VAL C 120 25.00 -29.09 13.37
C VAL C 120 23.66 -29.29 14.07
N MET C 121 22.68 -29.80 13.33
CA MET C 121 21.34 -30.06 13.87
C MET C 121 21.44 -31.22 14.85
N CYS C 122 22.09 -32.30 14.41
CA CYS C 122 22.27 -33.49 15.26
C CYS C 122 23.15 -33.20 16.49
N THR C 123 24.08 -32.25 16.34
CA THR C 123 24.79 -31.68 17.50
C THR C 123 23.77 -31.15 18.49
N ALA C 124 23.06 -30.11 18.07
CA ALA C 124 22.08 -29.38 18.90
C ALA C 124 21.05 -30.28 19.55
N PHE C 125 20.64 -31.31 18.80
CA PHE C 125 19.59 -32.24 19.25
C PHE C 125 20.10 -33.11 20.40
N HIS C 126 21.29 -33.65 20.21
CA HIS C 126 21.96 -34.47 21.24
C HIS C 126 22.25 -33.63 22.47
N ASP C 127 22.69 -32.39 22.25
CA ASP C 127 22.97 -31.43 23.35
C ASP C 127 21.69 -31.04 24.11
N ASN C 128 21.19 -29.81 23.93
CA ASN C 128 19.88 -29.46 24.52
C ASN C 128 18.72 -29.89 23.60
N GLU C 129 18.24 -31.10 23.88
CA GLU C 129 17.17 -31.73 23.12
C GLU C 129 15.86 -31.02 23.38
N GLU C 130 15.51 -30.94 24.66
CA GLU C 130 14.23 -30.37 25.10
C GLU C 130 13.93 -29.06 24.38
N THR C 131 14.95 -28.23 24.25
CA THR C 131 14.84 -26.96 23.52
C THR C 131 14.65 -27.16 22.01
N PHE C 132 15.62 -27.80 21.37
CA PHE C 132 15.59 -28.04 19.91
C PHE C 132 14.15 -28.30 19.40
N LEU C 133 13.44 -29.16 20.13
CA LEU C 133 12.04 -29.47 19.81
C LEU C 133 11.09 -28.28 20.02
N LYS C 134 11.30 -27.55 21.11
CA LYS C 134 10.50 -26.32 21.37
C LYS C 134 10.66 -25.32 20.21
N LYS C 135 11.89 -25.20 19.69
CA LYS C 135 12.18 -24.29 18.57
C LYS C 135 11.42 -24.71 17.30
N TYR C 136 11.30 -26.01 17.10
CA TYR C 136 10.50 -26.56 15.98
C TYR C 136 9.05 -26.06 16.11
N LEU C 137 8.45 -26.38 17.25
CA LEU C 137 7.08 -25.92 17.59
C LEU C 137 6.90 -24.43 17.33
N TYR C 138 7.83 -23.64 17.85
CA TYR C 138 7.76 -22.16 17.75
C TYR C 138 7.85 -21.72 16.31
N GLU C 139 8.84 -22.25 15.59
CA GLU C 139 9.07 -21.85 14.18
C GLU C 139 7.87 -22.20 13.29
N ILE C 140 7.36 -23.41 13.42
CA ILE C 140 6.21 -23.84 12.62
C ILE C 140 4.94 -23.07 13.02
N ALA C 141 4.69 -22.97 14.33
CA ALA C 141 3.45 -22.35 14.86
C ALA C 141 3.30 -20.91 14.39
N ARG C 142 4.41 -20.20 14.39
CA ARG C 142 4.38 -18.78 14.10
C ARG C 142 4.23 -18.47 12.62
N ARG C 143 4.55 -19.43 11.77
CA ARG C 143 4.31 -19.25 10.33
C ARG C 143 2.95 -19.78 9.90
N HIS C 144 2.23 -20.41 10.81
CA HIS C 144 0.90 -21.02 10.51
C HIS C 144 -0.09 -20.85 11.63
N PRO C 145 -0.54 -19.62 11.85
CA PRO C 145 -1.24 -19.28 13.08
C PRO C 145 -2.59 -19.95 13.26
N TYR C 146 -3.01 -20.72 12.26
CA TYR C 146 -4.27 -21.46 12.35
C TYR C 146 -4.04 -22.97 12.41
N PHE C 147 -2.78 -23.34 12.33
CA PHE C 147 -2.39 -24.73 12.43
C PHE C 147 -3.10 -25.39 13.60
N TYR C 148 -3.58 -26.60 13.32
CA TYR C 148 -4.40 -27.41 14.24
C TYR C 148 -3.52 -27.88 15.40
N ALA C 149 -3.60 -27.15 16.51
CA ALA C 149 -2.68 -27.31 17.62
C ALA C 149 -2.34 -28.78 17.92
N PRO C 150 -3.35 -29.61 18.22
CA PRO C 150 -3.12 -31.01 18.56
C PRO C 150 -2.34 -31.83 17.55
N GLU C 151 -2.57 -31.57 16.26
CA GLU C 151 -1.77 -32.25 15.24
C GLU C 151 -0.33 -31.79 15.30
N LEU C 152 -0.12 -30.51 15.56
CA LEU C 152 1.25 -30.00 15.60
C LEU C 152 2.07 -30.73 16.68
N LEU C 153 1.42 -31.07 17.78
CA LEU C 153 2.04 -31.85 18.85
C LEU C 153 2.58 -33.15 18.27
N PHE C 154 1.76 -33.80 17.45
CA PHE C 154 2.11 -35.08 16.79
C PHE C 154 3.26 -34.90 15.81
N PHE C 155 3.19 -33.85 15.00
CA PHE C 155 4.31 -33.53 14.13
C PHE C 155 5.58 -33.39 14.95
N ALA C 156 5.48 -32.74 16.10
CA ALA C 156 6.64 -32.59 16.98
C ALA C 156 7.21 -33.95 17.44
N LYS C 157 6.34 -34.92 17.70
CA LYS C 157 6.81 -36.28 18.06
C LYS C 157 7.51 -36.97 16.89
N ARG C 158 7.00 -36.73 15.69
CA ARG C 158 7.61 -37.30 14.47
C ARG C 158 9.01 -36.71 14.25
N TYR C 159 9.12 -35.39 14.39
CA TYR C 159 10.40 -34.69 14.29
C TYR C 159 11.40 -35.42 15.19
N LYS C 160 11.07 -35.52 16.48
CA LYS C 160 11.95 -36.17 17.47
C LYS C 160 12.34 -37.61 17.08
N ALA C 161 11.33 -38.39 16.70
CA ALA C 161 11.49 -39.76 16.22
C ALA C 161 12.54 -39.87 15.12
N ALA C 162 12.50 -38.92 14.18
CA ALA C 162 13.41 -38.90 13.04
C ALA C 162 14.86 -38.71 13.50
N PHE C 163 15.06 -37.76 14.41
CA PHE C 163 16.40 -37.49 14.93
C PHE C 163 16.89 -38.62 15.84
N THR C 164 15.99 -39.20 16.62
CA THR C 164 16.29 -40.38 17.46
C THR C 164 16.80 -41.54 16.60
N GLU C 165 16.17 -41.66 15.44
CA GLU C 165 16.36 -42.78 14.51
C GLU C 165 17.52 -42.56 13.53
N CYS C 166 18.03 -41.34 13.44
CA CYS C 166 18.99 -40.98 12.36
C CYS C 166 20.35 -40.37 12.75
N CYS C 167 20.49 -39.87 13.97
CA CYS C 167 21.73 -39.16 14.34
C CYS C 167 22.84 -40.13 14.74
N GLN C 168 22.52 -41.41 14.79
CA GLN C 168 23.53 -42.44 15.07
C GLN C 168 24.11 -43.04 13.77
N ALA C 169 23.57 -42.58 12.65
CA ALA C 169 23.97 -43.06 11.33
C ALA C 169 25.22 -42.35 10.84
N ALA C 170 26.01 -43.05 10.02
CA ALA C 170 27.20 -42.50 9.40
C ALA C 170 26.79 -41.44 8.38
N ASP C 171 25.94 -41.82 7.42
CA ASP C 171 25.34 -40.86 6.48
C ASP C 171 24.00 -40.36 7.03
N LYS C 172 24.07 -39.30 7.82
CA LYS C 172 22.90 -38.72 8.48
C LYS C 172 21.91 -38.05 7.52
N ALA C 173 22.45 -37.34 6.53
CA ALA C 173 21.64 -36.65 5.52
C ALA C 173 20.72 -37.62 4.77
N ALA C 174 21.30 -38.69 4.23
CA ALA C 174 20.55 -39.73 3.52
C ALA C 174 19.34 -40.25 4.32
N CYS C 175 19.53 -40.35 5.63
CA CYS C 175 18.54 -40.91 6.56
C CYS C 175 17.44 -39.91 6.83
N LEU C 176 17.89 -38.72 7.23
CA LEU C 176 17.04 -37.71 7.84
C LEU C 176 16.24 -36.87 6.86
N LEU C 177 16.93 -36.12 6.01
CA LEU C 177 16.28 -35.13 5.12
C LEU C 177 15.02 -35.64 4.40
N PRO C 178 15.02 -36.90 3.92
CA PRO C 178 13.76 -37.46 3.42
C PRO C 178 12.59 -37.42 4.41
N LYS C 179 12.87 -37.80 5.66
CA LYS C 179 11.85 -37.83 6.72
C LYS C 179 11.36 -36.42 7.09
N LEU C 180 12.31 -35.49 7.22
CA LEU C 180 11.98 -34.09 7.52
C LEU C 180 11.23 -33.42 6.38
N ASP C 181 11.55 -33.83 5.16
CA ASP C 181 10.92 -33.22 3.97
C ASP C 181 9.48 -33.70 3.75
N GLU C 182 9.21 -34.97 4.07
CA GLU C 182 7.82 -35.50 4.07
C GLU C 182 7.01 -34.81 5.16
N LEU C 183 7.67 -34.63 6.29
CA LEU C 183 7.06 -34.07 7.48
C LEU C 183 6.73 -32.59 7.25
N ARG C 184 7.59 -31.92 6.51
CA ARG C 184 7.32 -30.53 6.12
C ARG C 184 6.17 -30.44 5.12
N ASP C 185 6.12 -31.41 4.22
CA ASP C 185 5.08 -31.42 3.15
C ASP C 185 3.70 -31.73 3.73
N GLU C 186 3.62 -32.77 4.57
CA GLU C 186 2.40 -33.10 5.34
C GLU C 186 1.92 -31.87 6.10
N GLY C 187 2.88 -31.13 6.66
CA GLY C 187 2.60 -29.95 7.50
C GLY C 187 1.95 -28.82 6.76
N LYS C 188 2.50 -28.51 5.59
CA LYS C 188 2.02 -27.37 4.80
C LYS C 188 0.56 -27.64 4.30
N ALA C 189 0.29 -28.90 3.96
CA ALA C 189 -1.06 -29.34 3.55
C ALA C 189 -2.07 -29.31 4.72
N SER C 190 -1.63 -29.79 5.88
CA SER C 190 -2.46 -29.77 7.09
C SER C 190 -2.87 -28.37 7.48
N SER C 191 -1.89 -27.46 7.57
CA SER C 191 -2.19 -26.05 7.87
C SER C 191 -3.30 -25.51 6.99
N ALA C 192 -3.24 -25.86 5.71
CA ALA C 192 -4.18 -25.38 4.69
C ALA C 192 -5.59 -25.94 4.88
N LYS C 193 -5.68 -27.26 5.09
CA LYS C 193 -6.98 -27.91 5.34
C LYS C 193 -7.67 -27.30 6.57
N GLN C 194 -6.86 -26.94 7.54
CA GLN C 194 -7.36 -26.39 8.80
C GLN C 194 -7.87 -24.98 8.63
N ARG C 195 -7.13 -24.20 7.84
CA ARG C 195 -7.52 -22.81 7.55
C ARG C 195 -8.89 -22.74 6.89
N LEU C 196 -9.18 -23.74 6.04
CA LEU C 196 -10.52 -23.91 5.44
C LEU C 196 -11.57 -24.25 6.48
N LYS C 197 -11.21 -25.18 7.35
CA LYS C 197 -12.08 -25.52 8.47
C LYS C 197 -12.47 -24.29 9.32
N CYS C 198 -11.51 -23.44 9.65
CA CYS C 198 -11.77 -22.22 10.46
C CYS C 198 -12.51 -21.15 9.68
N ALA C 199 -12.16 -20.99 8.40
CA ALA C 199 -12.86 -20.03 7.58
C ALA C 199 -14.30 -20.47 7.54
N SER C 200 -14.52 -21.74 7.25
CA SER C 200 -15.88 -22.30 7.19
C SER C 200 -16.66 -21.90 8.44
N LEU C 201 -16.10 -22.24 9.60
CA LEU C 201 -16.74 -21.92 10.88
C LEU C 201 -16.94 -20.43 11.09
N GLN C 202 -15.86 -19.66 11.06
CA GLN C 202 -15.92 -18.21 11.33
C GLN C 202 -16.79 -17.44 10.35
N LYS C 203 -16.43 -17.50 9.07
CA LYS C 203 -17.04 -16.60 8.08
C LYS C 203 -18.37 -17.14 7.54
N PHE C 204 -18.57 -18.45 7.56
CA PHE C 204 -19.79 -19.05 6.95
C PHE C 204 -20.79 -19.71 7.90
N GLY C 205 -20.40 -19.93 9.14
CA GLY C 205 -21.31 -20.45 10.16
C GLY C 205 -21.20 -21.92 10.47
N GLU C 206 -21.74 -22.29 11.61
CA GLU C 206 -21.70 -23.67 12.12
C GLU C 206 -22.40 -24.63 11.17
N ARG C 207 -23.59 -24.21 10.74
CA ARG C 207 -24.38 -25.01 9.81
C ARG C 207 -23.56 -25.47 8.60
N ALA C 208 -22.69 -24.59 8.11
CA ALA C 208 -21.93 -24.86 6.89
C ALA C 208 -20.91 -25.94 7.12
N PHE C 209 -20.20 -25.83 8.24
CA PHE C 209 -19.18 -26.82 8.62
C PHE C 209 -19.84 -28.16 8.95
N LYS C 210 -20.94 -28.11 9.69
CA LYS C 210 -21.60 -29.35 10.08
C LYS C 210 -21.95 -30.16 8.83
N ALA C 211 -22.46 -29.46 7.82
CA ALA C 211 -22.81 -30.06 6.53
C ALA C 211 -21.63 -30.76 5.93
N TRP C 212 -20.49 -30.08 5.96
CA TRP C 212 -19.28 -30.64 5.41
C TRP C 212 -18.90 -31.90 6.14
N ALA C 213 -18.88 -31.79 7.46
CA ALA C 213 -18.49 -32.91 8.34
C ALA C 213 -19.37 -34.15 8.13
N VAL C 214 -20.66 -33.94 7.99
CA VAL C 214 -21.60 -35.05 7.83
C VAL C 214 -21.31 -35.78 6.53
N ALA C 215 -21.14 -35.00 5.47
CA ALA C 215 -20.84 -35.59 4.18
C ALA C 215 -19.56 -36.39 4.28
N ARG C 216 -18.59 -35.81 4.98
CA ARG C 216 -17.22 -36.33 4.96
C ARG C 216 -17.12 -37.58 5.78
N LEU C 217 -17.68 -37.53 6.98
CA LEU C 217 -17.62 -38.69 7.88
C LEU C 217 -18.41 -39.86 7.30
N SER C 218 -19.54 -39.56 6.67
CA SER C 218 -20.43 -40.62 6.11
C SER C 218 -19.75 -41.38 4.96
N GLN C 219 -18.79 -40.73 4.31
CA GLN C 219 -17.98 -41.40 3.29
C GLN C 219 -17.03 -42.43 3.90
N ARG C 220 -16.51 -42.08 5.07
CA ARG C 220 -15.46 -42.86 5.75
C ARG C 220 -16.01 -43.97 6.62
N PHE C 221 -17.26 -43.79 7.03
CA PHE C 221 -17.93 -44.66 8.00
C PHE C 221 -19.29 -45.09 7.50
N PRO C 222 -19.38 -45.53 6.24
CA PRO C 222 -20.65 -45.79 5.59
C PRO C 222 -21.54 -46.80 6.26
N LYS C 223 -21.02 -47.57 7.20
CA LYS C 223 -21.88 -48.50 7.94
C LYS C 223 -22.48 -47.92 9.23
N ALA C 224 -21.96 -46.78 9.66
CA ALA C 224 -22.47 -46.13 10.86
C ALA C 224 -23.87 -45.62 10.63
N GLU C 225 -24.71 -45.75 11.64
CA GLU C 225 -26.06 -45.22 11.61
C GLU C 225 -26.04 -43.72 11.69
N PHE C 226 -27.01 -43.10 11.01
CA PHE C 226 -27.13 -41.63 11.03
C PHE C 226 -27.04 -41.06 12.44
N ALA C 227 -27.67 -41.76 13.39
CA ALA C 227 -27.69 -41.33 14.79
C ALA C 227 -26.28 -41.16 15.33
N GLU C 228 -25.41 -42.08 14.92
CA GLU C 228 -24.03 -42.08 15.39
C GLU C 228 -23.17 -41.03 14.70
N VAL C 229 -23.40 -40.87 13.40
CA VAL C 229 -22.63 -39.91 12.61
C VAL C 229 -22.85 -38.48 13.17
N SER C 230 -24.05 -38.24 13.69
CA SER C 230 -24.42 -36.93 14.25
C SER C 230 -23.60 -36.61 15.49
N LYS C 231 -23.59 -37.56 16.42
CA LYS C 231 -22.87 -37.37 17.69
C LYS C 231 -21.43 -37.03 17.37
N LEU C 232 -20.89 -37.75 16.40
CA LEU C 232 -19.52 -37.49 15.95
C LEU C 232 -19.42 -36.08 15.36
N VAL C 233 -20.35 -35.73 14.47
CA VAL C 233 -20.28 -34.41 13.82
C VAL C 233 -20.33 -33.29 14.86
N THR C 234 -21.14 -33.50 15.90
CA THR C 234 -21.31 -32.51 16.97
C THR C 234 -20.02 -32.36 17.76
N ASP C 235 -19.39 -33.49 18.02
CA ASP C 235 -18.16 -33.55 18.80
C ASP C 235 -17.06 -32.86 18.01
N LEU C 236 -16.95 -33.23 16.74
CA LEU C 236 -15.98 -32.64 15.84
C LEU C 236 -16.15 -31.12 15.75
N THR C 237 -17.40 -30.68 15.74
CA THR C 237 -17.66 -29.24 15.66
C THR C 237 -17.15 -28.47 16.87
N LYS C 238 -17.39 -29.05 18.05
CA LYS C 238 -16.95 -28.42 19.29
C LYS C 238 -15.44 -28.28 19.26
N VAL C 239 -14.77 -29.37 18.87
CA VAL C 239 -13.32 -29.42 18.83
C VAL C 239 -12.75 -28.31 17.96
N HIS C 240 -13.21 -28.26 16.72
CA HIS C 240 -12.66 -27.29 15.77
C HIS C 240 -13.05 -25.88 16.07
N THR C 241 -14.29 -25.69 16.52
CA THR C 241 -14.73 -24.36 16.94
C THR C 241 -13.73 -23.84 17.95
N GLU C 242 -13.34 -24.73 18.85
CA GLU C 242 -12.42 -24.38 19.92
C GLU C 242 -10.99 -24.02 19.47
N CYS C 243 -10.33 -24.83 18.63
CA CYS C 243 -8.95 -24.46 18.22
C CYS C 243 -8.94 -23.31 17.21
N CYS C 244 -10.07 -23.07 16.56
CA CYS C 244 -10.19 -21.91 15.67
C CYS C 244 -10.31 -20.60 16.46
N HIS C 245 -10.97 -20.64 17.61
CA HIS C 245 -11.08 -19.46 18.52
C HIS C 245 -9.90 -19.29 19.43
N GLY C 246 -8.86 -20.11 19.23
CA GLY C 246 -7.64 -20.00 20.03
C GLY C 246 -7.63 -20.73 21.37
N ASP C 247 -8.74 -21.38 21.73
CA ASP C 247 -8.82 -22.16 22.98
C ASP C 247 -8.13 -23.52 22.87
N LEU C 248 -6.82 -23.45 22.70
CA LEU C 248 -6.02 -24.62 22.35
C LEU C 248 -6.07 -25.66 23.46
N LEU C 249 -5.99 -25.19 24.70
CA LEU C 249 -6.01 -26.07 25.87
C LEU C 249 -7.31 -26.85 25.91
N GLU C 250 -8.43 -26.15 25.78
CA GLU C 250 -9.72 -26.82 25.83
C GLU C 250 -9.89 -27.80 24.66
N CYS C 251 -9.39 -27.44 23.49
CA CYS C 251 -9.69 -28.23 22.29
C CYS C 251 -8.86 -29.50 22.22
N ALA C 252 -7.66 -29.42 22.76
CA ALA C 252 -6.78 -30.57 22.82
C ALA C 252 -7.41 -31.63 23.72
N ASP C 253 -7.91 -31.16 24.85
CA ASP C 253 -8.56 -32.04 25.84
C ASP C 253 -9.70 -32.75 25.16
N ASP C 254 -10.59 -31.94 24.60
CA ASP C 254 -11.84 -32.44 24.02
C ASP C 254 -11.54 -33.41 22.88
N ARG C 255 -10.46 -33.15 22.15
CA ARG C 255 -10.08 -34.04 21.06
C ARG C 255 -9.66 -35.40 21.59
N ALA C 256 -8.89 -35.37 22.66
CA ALA C 256 -8.46 -36.59 23.35
C ALA C 256 -9.68 -37.45 23.68
N ASP C 257 -10.64 -36.82 24.33
CA ASP C 257 -11.89 -37.48 24.74
C ASP C 257 -12.65 -38.07 23.56
N LEU C 258 -12.64 -37.34 22.44
CA LEU C 258 -13.29 -37.83 21.23
C LEU C 258 -12.63 -39.10 20.70
N ALA C 259 -11.30 -39.08 20.64
CA ALA C 259 -10.56 -40.25 20.16
C ALA C 259 -10.94 -41.42 21.03
N LYS C 260 -11.02 -41.14 22.34
CA LYS C 260 -11.33 -42.16 23.33
C LYS C 260 -12.75 -42.69 23.14
N TYR C 261 -13.69 -41.79 22.86
CA TYR C 261 -15.07 -42.19 22.59
C TYR C 261 -15.15 -43.06 21.35
N ILE C 262 -14.38 -42.69 20.34
CA ILE C 262 -14.45 -43.38 19.06
C ILE C 262 -14.04 -44.83 19.21
N CYS C 263 -12.95 -45.01 19.93
CA CYS C 263 -12.38 -46.34 20.11
C CYS C 263 -13.25 -47.25 20.97
N GLU C 264 -13.78 -46.69 22.05
CA GLU C 264 -14.74 -47.40 22.89
C GLU C 264 -16.01 -47.85 22.14
N ASN C 265 -16.33 -47.19 21.03
CA ASN C 265 -17.55 -47.53 20.27
C ASN C 265 -17.29 -47.91 18.83
N GLN C 266 -16.14 -48.52 18.63
CA GLN C 266 -15.65 -48.93 17.32
C GLN C 266 -16.65 -49.67 16.46
N ASP C 267 -17.44 -50.52 17.09
CA ASP C 267 -18.35 -51.42 16.38
C ASP C 267 -19.45 -50.66 15.65
N SER C 268 -19.96 -49.62 16.30
CA SER C 268 -21.01 -48.79 15.70
C SER C 268 -20.48 -47.69 14.76
N ILE C 269 -19.17 -47.71 14.50
CA ILE C 269 -18.52 -46.71 13.64
C ILE C 269 -17.79 -47.28 12.43
N SER C 270 -16.78 -48.12 12.65
CA SER C 270 -16.02 -48.69 11.53
C SER C 270 -15.18 -49.91 11.94
N SER C 271 -15.11 -50.88 11.03
CA SER C 271 -14.23 -52.03 11.20
C SER C 271 -12.76 -51.68 10.94
N LYS C 272 -12.51 -50.56 10.25
CA LYS C 272 -11.13 -50.16 9.89
C LYS C 272 -10.40 -49.40 11.01
N LEU C 273 -10.96 -49.46 12.22
CA LEU C 273 -10.42 -48.68 13.35
C LEU C 273 -9.63 -49.51 14.34
N LYS C 274 -9.53 -50.82 14.09
CA LYS C 274 -8.90 -51.74 15.04
C LYS C 274 -7.43 -51.41 15.26
N GLU C 275 -6.70 -51.29 14.16
CA GLU C 275 -5.28 -50.90 14.15
C GLU C 275 -5.04 -49.64 14.95
N CYS C 276 -5.79 -48.61 14.57
CA CYS C 276 -5.61 -47.25 15.07
C CYS C 276 -5.83 -47.11 16.56
N CYS C 277 -6.75 -47.89 17.10
CA CYS C 277 -7.16 -47.72 18.50
C CYS C 277 -6.22 -48.38 19.53
N GLU C 278 -5.21 -49.08 19.02
CA GLU C 278 -4.19 -49.72 19.85
C GLU C 278 -2.90 -48.91 19.96
N LYS C 279 -3.00 -47.62 19.65
CA LYS C 279 -1.81 -46.76 19.57
C LYS C 279 -1.75 -45.73 20.71
N PRO C 280 -0.58 -45.05 20.86
CA PRO C 280 -0.44 -44.03 21.91
C PRO C 280 -1.27 -42.77 21.66
N LEU C 281 -1.63 -42.11 22.77
CA LEU C 281 -2.55 -40.95 22.78
C LEU C 281 -2.53 -40.14 21.47
N LEU C 282 -1.33 -39.72 21.08
CA LEU C 282 -1.18 -38.76 19.98
C LEU C 282 -1.29 -39.35 18.58
N GLU C 283 -0.98 -40.63 18.43
CA GLU C 283 -1.01 -41.29 17.11
C GLU C 283 -2.36 -41.93 16.85
N LYS C 284 -3.07 -42.23 17.94
CA LYS C 284 -4.50 -42.60 17.89
C LYS C 284 -5.28 -41.60 17.03
N SER C 285 -5.28 -40.35 17.48
CA SER C 285 -6.10 -39.30 16.87
C SER C 285 -5.69 -39.05 15.40
N HIS C 286 -4.41 -39.18 15.13
CA HIS C 286 -3.89 -38.97 13.77
C HIS C 286 -4.31 -40.06 12.84
N CYS C 287 -4.09 -41.29 13.30
CA CYS C 287 -4.48 -42.50 12.55
C CYS C 287 -5.95 -42.40 12.12
N ILE C 288 -6.79 -42.11 13.11
CA ILE C 288 -8.25 -42.02 12.93
C ILE C 288 -8.63 -40.91 11.98
N ALA C 289 -7.88 -39.81 12.01
CA ALA C 289 -8.14 -38.67 11.13
C ALA C 289 -7.76 -39.02 9.70
N GLU C 290 -6.86 -40.01 9.58
CA GLU C 290 -6.20 -40.33 8.32
C GLU C 290 -6.65 -41.64 7.65
N VAL C 291 -7.36 -42.48 8.38
CA VAL C 291 -7.62 -43.85 7.94
C VAL C 291 -8.55 -44.00 6.73
N GLU C 292 -8.52 -45.22 6.23
CA GLU C 292 -9.25 -45.72 5.06
C GLU C 292 -10.76 -45.85 5.29
N ASN C 293 -11.53 -45.62 4.23
CA ASN C 293 -12.99 -45.78 4.30
C ASN C 293 -13.41 -47.22 4.56
N ASP C 294 -14.43 -47.41 5.40
CA ASP C 294 -15.02 -48.74 5.60
C ASP C 294 -15.69 -49.13 4.28
N GLU C 295 -15.82 -50.43 4.05
CA GLU C 295 -16.52 -50.92 2.86
C GLU C 295 -18.02 -50.69 3.09
N MET C 296 -18.72 -50.33 2.03
CA MET C 296 -20.13 -49.95 2.17
C MET C 296 -21.06 -51.15 2.21
N PRO C 297 -22.24 -51.01 2.84
CA PRO C 297 -23.12 -52.16 3.03
C PRO C 297 -23.60 -52.78 1.72
N ALA C 298 -24.22 -53.94 1.86
CA ALA C 298 -24.51 -54.80 0.71
C ALA C 298 -25.36 -54.13 -0.38
N ASP C 299 -26.63 -53.94 -0.08
CA ASP C 299 -27.65 -53.70 -1.10
C ASP C 299 -28.50 -52.50 -0.72
N LEU C 300 -27.86 -51.35 -0.64
CA LEU C 300 -28.55 -50.14 -0.19
C LEU C 300 -29.60 -49.73 -1.21
N PRO C 301 -30.83 -49.44 -0.74
CA PRO C 301 -31.90 -49.09 -1.66
C PRO C 301 -31.63 -47.76 -2.32
N SER C 302 -32.27 -47.55 -3.46
CA SER C 302 -32.18 -46.30 -4.18
C SER C 302 -32.56 -45.10 -3.33
N LEU C 303 -31.76 -44.05 -3.52
CA LEU C 303 -31.98 -42.78 -2.87
C LEU C 303 -33.41 -42.25 -3.15
N ALA C 304 -33.99 -42.64 -4.30
CA ALA C 304 -35.39 -42.30 -4.66
C ALA C 304 -36.45 -42.69 -3.64
N ALA C 305 -36.29 -43.87 -3.03
CA ALA C 305 -37.24 -44.32 -2.01
C ALA C 305 -37.66 -43.19 -1.05
N ASP C 306 -36.70 -42.74 -0.25
CA ASP C 306 -36.94 -41.80 0.85
C ASP C 306 -37.08 -40.36 0.42
N PHE C 307 -36.43 -40.01 -0.68
CA PHE C 307 -36.27 -38.60 -1.02
C PHE C 307 -37.03 -38.16 -2.27
N VAL C 308 -37.73 -39.08 -2.93
CA VAL C 308 -38.63 -38.74 -4.07
C VAL C 308 -39.95 -39.52 -4.08
N GLU C 309 -39.85 -40.84 -3.95
CA GLU C 309 -41.05 -41.69 -4.05
C GLU C 309 -41.93 -41.64 -2.82
N SER C 310 -41.31 -41.65 -1.64
CA SER C 310 -42.05 -41.45 -0.39
C SER C 310 -42.94 -40.22 -0.45
N LYS C 311 -44.15 -40.33 0.06
CA LYS C 311 -45.08 -39.19 0.05
C LYS C 311 -44.98 -38.38 1.34
N ASP C 312 -43.95 -38.67 2.14
CA ASP C 312 -43.68 -37.90 3.36
C ASP C 312 -42.56 -36.91 3.20
N VAL C 313 -42.04 -36.77 2.00
CA VAL C 313 -40.90 -35.90 1.78
C VAL C 313 -41.16 -34.53 2.43
N CYS C 314 -42.12 -33.77 1.91
CA CYS C 314 -42.34 -32.39 2.39
C CYS C 314 -42.65 -32.33 3.88
N LYS C 315 -43.40 -33.31 4.37
CA LYS C 315 -43.68 -33.40 5.80
C LYS C 315 -42.38 -33.31 6.60
N ASN C 316 -41.47 -34.23 6.33
CA ASN C 316 -40.22 -34.35 7.10
C ASN C 316 -39.34 -33.12 6.96
N TYR C 317 -39.31 -32.59 5.74
CA TYR C 317 -38.54 -31.38 5.44
C TYR C 317 -39.05 -30.20 6.27
N ALA C 318 -40.37 -30.13 6.39
CA ALA C 318 -41.01 -29.14 7.25
C ALA C 318 -40.71 -29.38 8.73
N GLU C 319 -40.74 -30.65 9.14
CA GLU C 319 -40.55 -31.03 10.55
C GLU C 319 -39.12 -30.94 11.06
N ALA C 320 -38.13 -30.95 10.17
CA ALA C 320 -36.74 -30.95 10.62
C ALA C 320 -35.72 -30.68 9.51
N LYS C 321 -35.83 -29.51 8.88
CA LYS C 321 -34.97 -29.18 7.71
C LYS C 321 -33.55 -29.71 7.87
N ASP C 322 -32.88 -29.28 8.94
CA ASP C 322 -31.45 -29.58 9.11
C ASP C 322 -31.19 -31.06 9.35
N VAL C 323 -32.09 -31.71 10.06
CA VAL C 323 -31.96 -33.14 10.27
C VAL C 323 -32.18 -33.90 8.97
N PHE C 324 -33.30 -33.62 8.31
CA PHE C 324 -33.70 -34.32 7.08
C PHE C 324 -32.59 -34.25 6.04
N LEU C 325 -32.16 -33.03 5.75
CA LEU C 325 -31.10 -32.80 4.77
C LEU C 325 -29.82 -33.49 5.19
N GLY C 326 -29.60 -33.58 6.49
CA GLY C 326 -28.45 -34.28 7.02
C GLY C 326 -28.58 -35.74 6.62
N MET C 327 -29.79 -36.28 6.78
CA MET C 327 -30.04 -37.66 6.37
C MET C 327 -29.70 -37.81 4.91
N PHE C 328 -30.15 -36.87 4.08
CA PHE C 328 -29.79 -36.86 2.65
C PHE C 328 -28.29 -36.97 2.40
N LEU C 329 -27.49 -36.06 2.96
CA LEU C 329 -26.01 -36.10 2.78
C LEU C 329 -25.52 -37.46 3.27
N TYR C 330 -25.95 -37.85 4.45
CA TYR C 330 -25.51 -39.13 5.00
C TYR C 330 -25.75 -40.27 3.99
N GLU C 331 -27.00 -40.39 3.55
CA GLU C 331 -27.38 -41.43 2.57
C GLU C 331 -26.63 -41.31 1.26
N TYR C 332 -26.58 -40.11 0.69
CA TYR C 332 -25.83 -39.92 -0.54
C TYR C 332 -24.36 -40.23 -0.35
N ALA C 333 -23.77 -39.54 0.63
CA ALA C 333 -22.35 -39.71 1.02
C ALA C 333 -21.93 -41.16 1.14
N ARG C 334 -22.59 -41.93 1.98
CA ARG C 334 -22.14 -43.30 2.19
C ARG C 334 -22.15 -44.16 0.90
N ARG C 335 -23.03 -43.82 -0.04
CA ARG C 335 -23.13 -44.48 -1.36
C ARG C 335 -22.05 -44.10 -2.35
N HIS C 336 -21.29 -43.07 -2.01
CA HIS C 336 -20.41 -42.44 -2.97
C HIS C 336 -19.14 -41.91 -2.36
N PRO C 337 -18.27 -42.80 -1.84
CA PRO C 337 -16.96 -42.32 -1.38
C PRO C 337 -16.13 -41.74 -2.49
N ASP C 338 -16.39 -42.24 -3.70
CA ASP C 338 -15.74 -41.74 -4.90
C ASP C 338 -15.93 -40.23 -5.08
N TYR C 339 -17.14 -39.69 -4.94
CA TYR C 339 -17.39 -38.23 -5.13
C TYR C 339 -16.71 -37.41 -4.03
N SER C 340 -16.41 -36.14 -4.29
CA SER C 340 -15.83 -35.23 -3.27
C SER C 340 -16.88 -34.58 -2.43
N VAL C 341 -16.52 -34.19 -1.22
CA VAL C 341 -17.50 -33.61 -0.31
C VAL C 341 -18.04 -32.36 -0.92
N VAL C 342 -17.14 -31.52 -1.40
CA VAL C 342 -17.56 -30.28 -2.01
C VAL C 342 -18.74 -30.55 -2.96
N LEU C 343 -18.57 -31.55 -3.80
CA LEU C 343 -19.62 -31.88 -4.79
C LEU C 343 -20.92 -32.30 -4.16
N LEU C 344 -20.83 -33.06 -3.09
CA LEU C 344 -22.01 -33.58 -2.41
C LEU C 344 -22.80 -32.46 -1.77
N LEU C 345 -22.08 -31.49 -1.23
CA LEU C 345 -22.71 -30.33 -0.62
C LEU C 345 -23.45 -29.53 -1.68
N ARG C 346 -22.84 -29.38 -2.86
CA ARG C 346 -23.53 -28.70 -3.96
C ARG C 346 -24.83 -29.43 -4.29
N LEU C 347 -24.75 -30.76 -4.31
CA LEU C 347 -25.93 -31.60 -4.57
C LEU C 347 -27.00 -31.42 -3.49
N ALA C 348 -26.59 -31.44 -2.23
CA ALA C 348 -27.53 -31.22 -1.13
C ALA C 348 -28.17 -29.83 -1.25
N LYS C 349 -27.39 -28.87 -1.73
CA LYS C 349 -27.82 -27.46 -1.86
C LYS C 349 -28.97 -27.49 -2.85
N THR C 350 -28.74 -28.13 -3.99
CA THR C 350 -29.74 -28.21 -5.07
C THR C 350 -30.98 -28.92 -4.59
N TYR C 351 -30.78 -29.97 -3.80
CA TYR C 351 -31.90 -30.73 -3.25
C TYR C 351 -32.79 -29.83 -2.40
N GLU C 352 -32.14 -29.13 -1.47
CA GLU C 352 -32.81 -28.20 -0.56
C GLU C 352 -33.52 -27.09 -1.34
N THR C 353 -32.78 -26.40 -2.22
CA THR C 353 -33.39 -25.41 -3.07
C THR C 353 -34.63 -26.02 -3.66
N THR C 354 -34.48 -27.20 -4.24
CA THR C 354 -35.58 -27.90 -4.89
C THR C 354 -36.75 -28.08 -3.93
N LEU C 355 -36.52 -28.67 -2.77
CA LEU C 355 -37.64 -28.90 -1.82
C LEU C 355 -38.31 -27.58 -1.41
N GLU C 356 -37.47 -26.60 -1.11
CA GLU C 356 -37.94 -25.27 -0.70
C GLU C 356 -39.00 -24.79 -1.69
N LYS C 357 -38.61 -24.76 -2.95
CA LYS C 357 -39.45 -24.32 -4.07
C LYS C 357 -40.62 -25.26 -4.31
N CYS C 358 -40.39 -26.58 -4.18
CA CYS C 358 -41.39 -27.57 -4.61
C CYS C 358 -42.51 -27.79 -3.60
N CYS C 359 -42.17 -27.81 -2.32
CA CYS C 359 -43.20 -27.97 -1.27
C CYS C 359 -44.20 -26.82 -1.27
N ALA C 360 -43.79 -25.69 -1.83
CA ALA C 360 -44.69 -24.53 -1.94
C ALA C 360 -45.66 -24.72 -3.09
N ALA C 361 -45.30 -25.62 -4.01
CA ALA C 361 -46.04 -25.83 -5.24
C ALA C 361 -47.39 -26.50 -5.03
N ALA C 362 -48.21 -26.41 -6.06
CA ALA C 362 -49.52 -27.01 -6.04
C ALA C 362 -49.40 -28.51 -5.86
N ASP C 363 -48.60 -29.15 -6.72
CA ASP C 363 -48.33 -30.59 -6.58
C ASP C 363 -46.86 -30.82 -6.31
N PRO C 364 -46.47 -30.97 -5.03
CA PRO C 364 -45.04 -31.01 -4.77
C PRO C 364 -44.36 -32.23 -5.40
N HIS C 365 -44.95 -33.41 -5.30
CA HIS C 365 -44.38 -34.64 -5.90
C HIS C 365 -44.06 -34.51 -7.36
N GLU C 366 -45.04 -34.03 -8.10
CA GLU C 366 -44.85 -33.75 -9.51
C GLU C 366 -43.63 -32.89 -9.74
N CYS C 367 -43.58 -31.79 -8.99
CA CYS C 367 -42.48 -30.82 -9.05
C CYS C 367 -41.11 -31.48 -8.91
N TYR C 368 -40.89 -32.30 -7.88
CA TYR C 368 -39.53 -32.84 -7.64
C TYR C 368 -39.23 -34.26 -8.13
N ALA C 369 -40.17 -34.91 -8.81
CA ALA C 369 -40.00 -36.28 -9.31
C ALA C 369 -38.66 -36.47 -10.02
N LYS C 370 -38.27 -35.48 -10.82
CA LYS C 370 -37.06 -35.58 -11.62
C LYS C 370 -35.89 -34.83 -11.03
N VAL C 371 -35.84 -34.76 -9.70
CA VAL C 371 -34.77 -33.98 -9.04
C VAL C 371 -33.39 -34.54 -9.33
N PHE C 372 -33.31 -35.84 -9.60
CA PHE C 372 -32.01 -36.48 -9.78
C PHE C 372 -31.38 -36.14 -11.10
N ASP C 373 -32.22 -35.68 -12.01
CA ASP C 373 -31.73 -35.20 -13.28
C ASP C 373 -30.86 -33.96 -13.07
N GLU C 374 -31.28 -33.10 -12.16
CA GLU C 374 -30.57 -31.84 -11.86
C GLU C 374 -29.12 -32.11 -11.45
N PHE C 375 -28.88 -33.27 -10.84
CA PHE C 375 -27.53 -33.59 -10.39
C PHE C 375 -26.57 -33.96 -11.50
N LYS C 376 -27.09 -34.46 -12.61
CA LYS C 376 -26.20 -34.89 -13.71
C LYS C 376 -25.24 -33.78 -14.12
N PRO C 377 -25.77 -32.63 -14.54
CA PRO C 377 -24.83 -31.58 -14.95
C PRO C 377 -23.87 -31.13 -13.84
N LEU C 378 -24.32 -31.20 -12.58
CA LEU C 378 -23.47 -30.74 -11.49
C LEU C 378 -22.28 -31.68 -11.30
N VAL C 379 -22.43 -32.91 -11.79
CA VAL C 379 -21.38 -33.89 -11.65
C VAL C 379 -20.44 -33.83 -12.83
N GLU C 380 -21.01 -33.81 -14.04
CA GLU C 380 -20.23 -33.77 -15.27
C GLU C 380 -19.23 -32.64 -15.24
N GLU C 381 -19.71 -31.42 -14.97
CA GLU C 381 -18.84 -30.25 -15.10
C GLU C 381 -17.48 -30.42 -14.42
N PRO C 382 -17.46 -30.89 -13.16
CA PRO C 382 -16.15 -31.14 -12.53
C PRO C 382 -15.36 -32.22 -13.22
N GLN C 383 -16.02 -33.34 -13.52
CA GLN C 383 -15.32 -34.42 -14.24
C GLN C 383 -14.70 -33.92 -15.53
N ASN C 384 -15.44 -33.11 -16.26
CA ASN C 384 -14.96 -32.60 -17.54
C ASN C 384 -13.79 -31.70 -17.36
N LEU C 385 -13.83 -30.88 -16.32
CA LEU C 385 -12.76 -29.92 -16.08
C LEU C 385 -11.47 -30.62 -15.68
N ILE C 386 -11.56 -31.52 -14.72
CA ILE C 386 -10.39 -32.26 -14.28
C ILE C 386 -9.83 -33.13 -15.43
N LYS C 387 -10.73 -33.71 -16.23
CA LYS C 387 -10.35 -34.55 -17.39
C LYS C 387 -9.55 -33.75 -18.40
N GLN C 388 -10.03 -32.55 -18.71
CA GLN C 388 -9.35 -31.65 -19.64
C GLN C 388 -8.03 -31.19 -19.03
N ASN C 389 -8.08 -30.86 -17.74
CA ASN C 389 -6.88 -30.35 -17.05
C ASN C 389 -5.78 -31.41 -16.89
N CYS C 390 -6.15 -32.66 -16.73
CA CYS C 390 -5.12 -33.67 -16.66
C CYS C 390 -4.56 -34.04 -18.02
N GLU C 391 -5.36 -33.88 -19.06
CA GLU C 391 -4.85 -34.05 -20.43
C GLU C 391 -3.83 -32.96 -20.70
N LEU C 392 -4.13 -31.77 -20.23
CA LEU C 392 -3.26 -30.62 -20.45
C LEU C 392 -1.95 -30.76 -19.68
N PHE C 393 -2.06 -31.35 -18.50
CA PHE C 393 -0.89 -31.54 -17.65
C PHE C 393 0.05 -32.62 -18.19
N GLU C 394 -0.51 -33.62 -18.87
CA GLU C 394 0.34 -34.64 -19.49
C GLU C 394 0.93 -34.07 -20.75
N GLN C 395 0.06 -33.52 -21.57
CA GLN C 395 0.44 -32.95 -22.86
C GLN C 395 1.50 -31.86 -22.68
N LEU C 396 1.57 -31.28 -21.49
CA LEU C 396 2.58 -30.25 -21.19
C LEU C 396 3.28 -30.52 -19.87
N GLY C 397 4.36 -29.78 -19.62
CA GLY C 397 5.10 -29.96 -18.38
C GLY C 397 4.31 -29.61 -17.15
N GLU C 398 4.93 -29.80 -15.99
CA GLU C 398 4.43 -29.19 -14.75
C GLU C 398 4.63 -27.72 -14.92
N TYR C 399 5.76 -27.37 -15.54
CA TYR C 399 6.11 -25.99 -15.81
C TYR C 399 5.17 -25.42 -16.85
N LYS C 400 5.19 -26.00 -18.04
CA LYS C 400 4.38 -25.49 -19.17
C LYS C 400 2.88 -25.41 -18.84
N PHE C 401 2.46 -26.29 -17.93
CA PHE C 401 1.09 -26.33 -17.41
C PHE C 401 0.79 -25.09 -16.62
N GLN C 402 1.66 -24.81 -15.66
CA GLN C 402 1.47 -23.64 -14.81
C GLN C 402 1.32 -22.40 -15.67
N ASN C 403 2.16 -22.28 -16.68
CA ASN C 403 2.10 -21.14 -17.59
C ASN C 403 0.72 -21.06 -18.26
N ALA C 404 0.16 -22.22 -18.57
CA ALA C 404 -1.16 -22.25 -19.17
C ALA C 404 -2.21 -21.70 -18.19
N LEU C 405 -2.12 -22.11 -16.93
CA LEU C 405 -3.04 -21.66 -15.90
C LEU C 405 -2.83 -20.20 -15.62
N LEU C 406 -1.57 -19.81 -15.51
CA LEU C 406 -1.20 -18.44 -15.19
C LEU C 406 -1.86 -17.51 -16.18
N VAL C 407 -1.76 -17.85 -17.45
CA VAL C 407 -2.40 -17.04 -18.49
C VAL C 407 -3.90 -17.07 -18.35
N ARG C 408 -4.42 -18.24 -18.02
CA ARG C 408 -5.87 -18.39 -17.87
C ARG C 408 -6.41 -17.47 -16.76
N TYR C 409 -5.80 -17.57 -15.58
CA TYR C 409 -6.26 -16.81 -14.42
C TYR C 409 -5.98 -15.34 -14.53
N THR C 410 -4.87 -14.98 -15.16
CA THR C 410 -4.56 -13.57 -15.35
C THR C 410 -5.63 -12.88 -16.18
N LYS C 411 -6.15 -13.60 -17.16
CA LYS C 411 -7.22 -13.06 -18.01
C LYS C 411 -8.53 -12.87 -17.23
N LYS C 412 -8.76 -13.71 -16.24
CA LYS C 412 -9.98 -13.62 -15.44
C LYS C 412 -9.86 -12.55 -14.39
N VAL C 413 -8.65 -12.33 -13.90
CA VAL C 413 -8.46 -11.65 -12.62
C VAL C 413 -7.22 -10.72 -12.57
N PRO C 414 -7.02 -9.93 -13.64
CA PRO C 414 -5.79 -9.17 -13.92
C PRO C 414 -5.54 -8.07 -12.95
N GLN C 415 -6.58 -7.77 -12.19
CA GLN C 415 -6.53 -6.76 -11.16
C GLN C 415 -5.62 -7.23 -10.03
N VAL C 416 -5.47 -8.54 -9.89
CA VAL C 416 -4.61 -9.09 -8.86
C VAL C 416 -3.15 -8.93 -9.28
N SER C 417 -2.28 -8.78 -8.28
CA SER C 417 -0.90 -8.41 -8.57
C SER C 417 -0.12 -9.56 -9.18
N THR C 418 0.89 -9.22 -9.97
CA THR C 418 1.68 -10.24 -10.67
C THR C 418 2.27 -11.27 -9.72
N PRO C 419 2.93 -10.84 -8.63
CA PRO C 419 3.50 -11.86 -7.75
C PRO C 419 2.46 -12.75 -7.13
N THR C 420 1.30 -12.19 -6.80
CA THR C 420 0.20 -13.00 -6.27
C THR C 420 -0.28 -14.02 -7.29
N LEU C 421 -0.35 -13.60 -8.55
CA LEU C 421 -0.84 -14.46 -9.64
C LEU C 421 0.16 -15.61 -9.88
N VAL C 422 1.44 -15.28 -9.97
CA VAL C 422 2.50 -16.30 -10.11
C VAL C 422 2.34 -17.43 -9.11
N GLU C 423 2.14 -17.04 -7.86
CA GLU C 423 2.11 -17.98 -6.73
C GLU C 423 0.88 -18.85 -6.78
N VAL C 424 -0.27 -18.20 -6.94
CA VAL C 424 -1.55 -18.90 -7.06
C VAL C 424 -1.51 -19.93 -8.16
N SER C 425 -0.92 -19.58 -9.28
CA SER C 425 -0.78 -20.55 -10.37
C SER C 425 0.09 -21.72 -9.96
N ARG C 426 1.30 -21.43 -9.51
CA ARG C 426 2.17 -22.50 -8.98
C ARG C 426 1.42 -23.50 -8.11
N ASN C 427 0.51 -23.02 -7.28
CA ASN C 427 -0.22 -23.89 -6.35
C ASN C 427 -1.33 -24.65 -7.03
N LEU C 428 -2.15 -23.94 -7.80
CA LEU C 428 -3.18 -24.57 -8.62
C LEU C 428 -2.50 -25.63 -9.47
N GLY C 429 -1.46 -25.24 -10.17
CA GLY C 429 -0.70 -26.17 -10.96
C GLY C 429 -0.32 -27.46 -10.24
N LYS C 430 -0.05 -27.38 -8.94
CA LYS C 430 0.32 -28.58 -8.18
C LYS C 430 -0.77 -29.63 -8.13
N VAL C 431 -1.94 -29.29 -8.66
CA VAL C 431 -3.05 -30.23 -8.74
C VAL C 431 -2.79 -31.28 -9.80
N GLY C 432 -1.86 -31.01 -10.70
CA GLY C 432 -1.42 -31.98 -11.67
C GLY C 432 -0.63 -33.07 -10.98
N SER C 433 0.44 -32.63 -10.30
CA SER C 433 1.32 -33.53 -9.57
C SER C 433 0.54 -34.40 -8.62
N LYS C 434 -0.36 -33.77 -7.86
CA LYS C 434 -1.03 -34.49 -6.77
C LYS C 434 -2.07 -35.46 -7.29
N CYS C 435 -2.90 -35.02 -8.20
CA CYS C 435 -4.09 -35.79 -8.53
C CYS C 435 -4.06 -36.63 -9.80
N CYS C 436 -3.46 -36.14 -10.87
CA CYS C 436 -3.56 -36.85 -12.17
C CYS C 436 -2.82 -38.20 -12.18
N LYS C 437 -1.93 -38.39 -11.21
CA LYS C 437 -1.33 -39.71 -10.93
C LYS C 437 -2.41 -40.73 -10.75
N HIS C 438 -3.30 -40.43 -9.83
CA HIS C 438 -4.41 -41.31 -9.43
C HIS C 438 -5.19 -41.76 -10.65
N PRO C 439 -5.91 -42.87 -10.52
CA PRO C 439 -6.71 -43.33 -11.65
C PRO C 439 -8.05 -42.60 -11.82
N GLU C 440 -8.45 -42.43 -13.08
CA GLU C 440 -9.79 -41.92 -13.48
C GLU C 440 -10.76 -41.64 -12.32
N ALA C 441 -11.28 -42.71 -11.73
CA ALA C 441 -12.32 -42.62 -10.70
C ALA C 441 -11.97 -41.63 -9.60
N LYS C 442 -10.71 -41.61 -9.19
CA LYS C 442 -10.27 -40.91 -7.97
C LYS C 442 -9.73 -39.47 -8.17
N ARG C 443 -9.66 -39.06 -9.43
CA ARG C 443 -9.07 -37.76 -9.79
C ARG C 443 -9.89 -36.59 -9.31
N MET C 444 -11.08 -36.42 -9.89
CA MET C 444 -11.96 -35.27 -9.54
C MET C 444 -11.95 -34.95 -8.02
N PRO C 445 -12.12 -35.98 -7.19
CA PRO C 445 -12.24 -35.68 -5.75
C PRO C 445 -10.99 -35.19 -5.08
N CYS C 446 -9.88 -35.78 -5.45
CA CYS C 446 -8.58 -35.30 -5.00
C CYS C 446 -8.39 -33.83 -5.38
N ALA C 447 -8.70 -33.56 -6.65
CA ALA C 447 -8.60 -32.25 -7.27
C ALA C 447 -9.45 -31.22 -6.54
N GLU C 448 -10.73 -31.53 -6.42
CA GLU C 448 -11.67 -30.54 -5.86
C GLU C 448 -11.33 -30.28 -4.39
N ASP C 449 -10.95 -31.32 -3.67
CA ASP C 449 -10.59 -31.13 -2.28
C ASP C 449 -9.40 -30.18 -2.18
N TYR C 450 -8.39 -30.47 -2.99
CA TYR C 450 -7.17 -29.66 -2.99
C TYR C 450 -7.41 -28.23 -3.50
N LEU C 451 -8.08 -28.11 -4.64
CA LEU C 451 -8.43 -26.80 -5.19
C LEU C 451 -9.15 -25.97 -4.13
N SER C 452 -10.15 -26.58 -3.51
CA SER C 452 -10.94 -25.84 -2.53
C SER C 452 -10.05 -25.24 -1.43
N VAL C 453 -8.99 -25.94 -1.11
CA VAL C 453 -8.07 -25.45 -0.10
C VAL C 453 -7.24 -24.29 -0.61
N VAL C 454 -6.71 -24.45 -1.81
CA VAL C 454 -5.93 -23.40 -2.46
C VAL C 454 -6.73 -22.12 -2.60
N LEU C 455 -7.96 -22.23 -3.07
CA LEU C 455 -8.79 -21.04 -3.28
C LEU C 455 -9.13 -20.32 -1.98
N ASN C 456 -9.38 -21.10 -0.94
CA ASN C 456 -9.71 -20.50 0.34
C ASN C 456 -8.55 -19.66 0.90
N GLN C 457 -7.35 -20.11 0.56
CA GLN C 457 -6.13 -19.41 0.98
C GLN C 457 -6.12 -18.02 0.35
N LEU C 458 -6.40 -18.01 -0.94
CA LEU C 458 -6.53 -16.80 -1.71
C LEU C 458 -7.56 -15.90 -1.06
N CYS C 459 -8.72 -16.46 -0.75
CA CYS C 459 -9.84 -15.66 -0.25
C CYS C 459 -9.56 -15.06 1.11
N VAL C 460 -8.93 -15.84 1.97
CA VAL C 460 -8.63 -15.39 3.33
C VAL C 460 -7.67 -14.19 3.36
N LEU C 461 -6.68 -14.25 2.48
CA LEU C 461 -5.73 -13.16 2.37
C LEU C 461 -6.32 -11.98 1.56
N HIS C 462 -7.14 -12.28 0.55
CA HIS C 462 -7.75 -11.22 -0.30
C HIS C 462 -8.69 -10.36 0.49
N GLU C 463 -9.36 -10.96 1.45
CA GLU C 463 -10.32 -10.27 2.31
C GLU C 463 -9.67 -9.12 3.08
N LYS C 464 -8.40 -9.29 3.45
CA LYS C 464 -7.68 -8.24 4.18
C LYS C 464 -7.14 -7.16 3.26
N THR C 465 -6.94 -7.49 2.00
CA THR C 465 -6.45 -6.51 1.04
C THR C 465 -7.16 -6.62 -0.31
N PRO C 466 -8.47 -6.33 -0.33
CA PRO C 466 -9.31 -6.46 -1.51
C PRO C 466 -8.83 -5.64 -2.66
N VAL C 467 -8.81 -6.26 -3.83
CA VAL C 467 -8.31 -5.61 -5.02
C VAL C 467 -9.09 -5.91 -6.28
N SER C 468 -9.71 -7.09 -6.32
CA SER C 468 -10.57 -7.45 -7.45
C SER C 468 -11.97 -7.74 -7.03
N ASP C 469 -12.91 -7.15 -7.76
CA ASP C 469 -14.33 -7.28 -7.45
C ASP C 469 -14.77 -8.71 -7.66
N ARG C 470 -14.26 -9.26 -8.74
CA ARG C 470 -14.56 -10.64 -9.11
C ARG C 470 -14.14 -11.62 -8.05
N VAL C 471 -12.95 -11.42 -7.49
CA VAL C 471 -12.47 -12.32 -6.44
C VAL C 471 -13.40 -12.21 -5.26
N THR C 472 -13.73 -10.99 -4.87
CA THR C 472 -14.62 -10.78 -3.73
C THR C 472 -15.89 -11.58 -3.92
N LYS C 473 -16.44 -11.48 -5.11
CA LYS C 473 -17.73 -12.11 -5.38
C LYS C 473 -17.61 -13.61 -5.19
N CYS C 474 -16.67 -14.20 -5.90
CA CYS C 474 -16.54 -15.65 -5.89
C CYS C 474 -16.18 -16.18 -4.51
N CYS C 475 -15.42 -15.40 -3.77
CA CYS C 475 -15.00 -15.80 -2.43
C CYS C 475 -16.14 -15.69 -1.43
N THR C 476 -17.08 -14.82 -1.74
CA THR C 476 -18.12 -14.48 -0.79
C THR C 476 -19.41 -15.26 -0.99
N GLU C 477 -19.82 -15.33 -2.26
CA GLU C 477 -21.15 -15.80 -2.71
C GLU C 477 -21.60 -17.10 -2.06
N SER C 478 -20.81 -18.13 -2.30
CA SER C 478 -21.04 -19.44 -1.70
C SER C 478 -19.71 -20.07 -1.48
N LEU C 479 -19.51 -20.59 -0.28
CA LEU C 479 -18.31 -21.36 0.03
C LEU C 479 -18.25 -22.57 -0.87
N VAL C 480 -19.38 -23.23 -1.05
CA VAL C 480 -19.35 -24.51 -1.71
C VAL C 480 -19.22 -24.35 -3.23
N ASN C 481 -19.60 -23.20 -3.76
CA ASN C 481 -19.50 -22.93 -5.21
C ASN C 481 -18.32 -22.09 -5.65
N ARG C 482 -17.27 -21.99 -4.84
CA ARG C 482 -16.15 -21.13 -5.23
C ARG C 482 -15.59 -21.63 -6.55
N ARG C 483 -15.10 -22.87 -6.56
CA ARG C 483 -14.31 -23.37 -7.69
C ARG C 483 -15.00 -23.11 -9.05
N PRO C 484 -16.29 -23.49 -9.18
CA PRO C 484 -17.00 -23.30 -10.44
C PRO C 484 -17.13 -21.85 -10.81
N CYS C 485 -17.26 -20.99 -9.81
CA CYS C 485 -17.39 -19.54 -10.02
C CYS C 485 -16.17 -19.03 -10.76
N PHE C 486 -15.02 -19.38 -10.22
CA PHE C 486 -13.75 -19.00 -10.82
C PHE C 486 -13.60 -19.57 -12.21
N SER C 487 -13.97 -20.82 -12.38
CA SER C 487 -13.83 -21.48 -13.66
C SER C 487 -14.73 -20.81 -14.68
N ALA C 488 -15.87 -20.35 -14.23
CA ALA C 488 -16.87 -19.74 -15.14
C ALA C 488 -16.41 -18.41 -15.72
N LEU C 489 -15.47 -17.79 -15.03
CA LEU C 489 -15.15 -16.38 -15.26
C LEU C 489 -14.59 -16.14 -16.64
N GLU C 490 -15.09 -15.09 -17.29
CA GLU C 490 -14.71 -14.74 -18.65
C GLU C 490 -13.49 -13.81 -18.66
N VAL C 491 -13.03 -13.46 -19.85
CA VAL C 491 -11.92 -12.50 -19.97
C VAL C 491 -12.44 -11.19 -19.41
N ASP C 492 -11.65 -10.55 -18.57
CA ASP C 492 -12.08 -9.31 -17.93
C ASP C 492 -11.84 -8.17 -18.93
N GLU C 493 -12.91 -7.70 -19.56
CA GLU C 493 -12.72 -6.62 -20.54
C GLU C 493 -12.78 -5.25 -19.91
N THR C 494 -13.13 -5.18 -18.62
CA THR C 494 -13.11 -3.93 -17.86
C THR C 494 -11.71 -3.44 -17.57
N TYR C 495 -10.77 -4.37 -17.49
CA TYR C 495 -9.38 -4.03 -17.23
C TYR C 495 -8.86 -3.11 -18.31
N VAL C 496 -8.14 -2.07 -17.90
CA VAL C 496 -7.55 -1.15 -18.86
C VAL C 496 -6.07 -1.51 -18.95
N PRO C 497 -5.64 -2.03 -20.11
CA PRO C 497 -4.31 -2.61 -20.26
C PRO C 497 -3.16 -1.70 -19.94
N LYS C 498 -2.17 -2.27 -19.26
CA LYS C 498 -0.86 -1.65 -19.15
C LYS C 498 -0.35 -1.27 -20.55
N GLU C 499 0.41 -0.20 -20.61
CA GLU C 499 0.95 0.31 -21.86
C GLU C 499 2.42 0.01 -21.94
N PHE C 500 2.95 0.01 -23.15
CA PHE C 500 4.38 -0.12 -23.31
C PHE C 500 5.14 1.22 -23.24
N ASN C 501 6.43 1.08 -22.98
CA ASN C 501 7.42 2.15 -23.14
C ASN C 501 8.82 1.53 -23.27
N ALA C 502 9.84 2.36 -23.44
CA ALA C 502 11.20 1.86 -23.65
C ALA C 502 11.68 1.07 -22.45
N GLU C 503 11.22 1.51 -21.28
CA GLU C 503 11.73 1.05 -19.97
C GLU C 503 10.99 -0.18 -19.44
N THR C 504 9.97 -0.60 -20.19
CA THR C 504 9.14 -1.72 -19.78
C THR C 504 9.98 -2.97 -19.52
N PHE C 505 10.99 -3.17 -20.37
CA PHE C 505 11.94 -4.28 -20.21
C PHE C 505 13.30 -3.72 -19.81
N THR C 506 13.36 -3.34 -18.55
CA THR C 506 14.58 -2.87 -17.92
C THR C 506 15.16 -3.92 -16.98
N PHE C 507 16.32 -4.43 -17.37
CA PHE C 507 17.07 -5.40 -16.58
C PHE C 507 18.54 -5.03 -16.50
N HIS C 508 19.06 -5.02 -15.28
CA HIS C 508 20.51 -4.97 -15.06
C HIS C 508 21.02 -6.38 -15.15
N ALA C 509 22.32 -6.52 -15.31
CA ALA C 509 22.94 -7.83 -15.61
C ALA C 509 22.90 -8.83 -14.44
N ASP C 510 22.19 -8.48 -13.37
CA ASP C 510 22.07 -9.33 -12.17
C ASP C 510 21.30 -10.62 -12.43
N ILE C 511 20.65 -10.71 -13.59
CA ILE C 511 19.79 -11.86 -13.90
C ILE C 511 20.58 -13.13 -14.24
N CYS C 512 21.83 -12.99 -14.65
CA CYS C 512 22.60 -14.17 -15.07
C CYS C 512 23.25 -14.92 -13.90
N THR C 513 23.22 -14.31 -12.72
CA THR C 513 23.58 -15.01 -11.48
C THR C 513 22.52 -16.03 -11.13
N LEU C 514 21.34 -15.85 -11.71
CA LEU C 514 20.16 -16.53 -11.26
C LEU C 514 20.22 -18.01 -11.57
N SER C 515 19.68 -18.79 -10.64
CA SER C 515 19.52 -20.23 -10.82
C SER C 515 18.49 -20.49 -11.91
N GLU C 516 18.07 -21.74 -12.05
CA GLU C 516 17.02 -22.03 -13.01
C GLU C 516 15.71 -21.77 -12.31
N LYS C 517 15.50 -22.43 -11.17
CA LYS C 517 14.29 -22.21 -10.36
C LYS C 517 13.95 -20.70 -10.33
N GLU C 518 14.98 -19.90 -10.07
CA GLU C 518 14.86 -18.43 -10.00
C GLU C 518 14.45 -17.82 -11.33
N ARG C 519 15.17 -18.19 -12.39
CA ARG C 519 14.94 -17.64 -13.74
C ARG C 519 13.62 -18.09 -14.35
N GLN C 520 13.04 -19.16 -13.80
CA GLN C 520 11.76 -19.63 -14.31
C GLN C 520 10.64 -18.80 -13.73
N ILE C 521 10.80 -18.44 -12.46
CA ILE C 521 9.85 -17.55 -11.79
C ILE C 521 9.78 -16.25 -12.57
N LYS C 522 10.94 -15.81 -13.08
CA LYS C 522 11.03 -14.53 -13.78
C LYS C 522 10.32 -14.61 -15.12
N LYS C 523 10.43 -15.75 -15.79
CA LYS C 523 9.75 -15.95 -17.07
C LYS C 523 8.27 -15.87 -16.83
N GLN C 524 7.84 -16.59 -15.80
CA GLN C 524 6.43 -16.59 -15.40
C GLN C 524 5.95 -15.16 -15.11
N THR C 525 6.80 -14.36 -14.48
CA THR C 525 6.46 -12.96 -14.23
C THR C 525 6.26 -12.24 -15.55
N ALA C 526 7.21 -12.36 -16.47
CA ALA C 526 7.10 -11.65 -17.74
C ALA C 526 5.84 -12.06 -18.48
N LEU C 527 5.50 -13.33 -18.37
CA LEU C 527 4.29 -13.87 -19.01
C LEU C 527 3.06 -13.15 -18.49
N VAL C 528 2.92 -13.12 -17.17
CA VAL C 528 1.78 -12.45 -16.52
C VAL C 528 1.70 -11.00 -16.98
N GLU C 529 2.86 -10.36 -17.03
CA GLU C 529 2.90 -8.97 -17.41
C GLU C 529 2.45 -8.81 -18.85
N LEU C 530 2.86 -9.71 -19.73
CA LEU C 530 2.42 -9.59 -21.13
C LEU C 530 0.91 -9.63 -21.23
N VAL C 531 0.30 -10.58 -20.53
CA VAL C 531 -1.14 -10.66 -20.56
C VAL C 531 -1.75 -9.34 -20.13
N LYS C 532 -1.17 -8.74 -19.11
CA LYS C 532 -1.69 -7.48 -18.58
C LYS C 532 -1.55 -6.36 -19.61
N HIS C 533 -0.61 -6.52 -20.54
CA HIS C 533 -0.46 -5.60 -21.67
C HIS C 533 -1.46 -5.82 -22.76
N LYS C 534 -1.94 -7.05 -22.90
CA LYS C 534 -3.02 -7.29 -23.85
C LYS C 534 -3.75 -8.57 -23.50
N PRO C 535 -4.85 -8.45 -22.76
CA PRO C 535 -5.49 -9.65 -22.23
C PRO C 535 -6.06 -10.60 -23.24
N LYS C 536 -6.57 -10.10 -24.36
CA LYS C 536 -7.04 -10.98 -25.45
C LYS C 536 -5.95 -11.58 -26.32
N ALA C 537 -4.70 -11.50 -25.87
CA ALA C 537 -3.59 -12.09 -26.60
C ALA C 537 -3.76 -13.57 -26.71
N THR C 538 -3.57 -14.05 -27.94
CA THR C 538 -3.73 -15.47 -28.29
C THR C 538 -2.46 -16.21 -27.92
N LYS C 539 -2.58 -17.50 -27.69
CA LYS C 539 -1.44 -18.34 -27.28
C LYS C 539 -0.26 -18.16 -28.23
N GLU C 540 -0.59 -17.94 -29.50
CA GLU C 540 0.38 -17.78 -30.58
C GLU C 540 1.26 -16.57 -30.31
N GLN C 541 0.64 -15.40 -30.38
CA GLN C 541 1.33 -14.14 -30.12
C GLN C 541 2.14 -14.31 -28.83
N LEU C 542 1.46 -14.73 -27.76
CA LEU C 542 2.09 -14.82 -26.43
C LEU C 542 3.39 -15.60 -26.45
N LYS C 543 3.37 -16.80 -27.04
CA LYS C 543 4.59 -17.60 -27.10
C LYS C 543 5.63 -16.97 -28.00
N ALA C 544 5.18 -16.21 -28.98
CA ALA C 544 6.06 -15.47 -29.87
C ALA C 544 6.91 -14.46 -29.09
N VAL C 545 6.22 -13.51 -28.48
CA VAL C 545 6.82 -12.45 -27.66
C VAL C 545 7.63 -13.03 -26.48
N MET C 546 7.22 -14.20 -26.03
CA MET C 546 7.89 -14.85 -24.91
C MET C 546 9.16 -15.53 -25.37
N ASP C 547 9.19 -15.94 -26.63
CA ASP C 547 10.39 -16.54 -27.21
C ASP C 547 11.39 -15.41 -27.44
N ASP C 548 10.90 -14.33 -28.02
CA ASP C 548 11.70 -13.11 -28.17
C ASP C 548 12.37 -12.75 -26.85
N PHE C 549 11.59 -12.79 -25.79
CA PHE C 549 12.09 -12.51 -24.43
C PHE C 549 13.24 -13.43 -24.09
N ALA C 550 13.03 -14.74 -24.17
CA ALA C 550 14.10 -15.68 -23.80
C ALA C 550 15.32 -15.55 -24.71
N ALA C 551 15.08 -15.14 -25.95
CA ALA C 551 16.14 -14.89 -26.95
C ALA C 551 17.03 -13.76 -26.46
N PHE C 552 16.38 -12.64 -26.18
CA PHE C 552 16.95 -11.51 -25.46
C PHE C 552 17.83 -11.93 -24.27
N VAL C 553 17.25 -12.55 -23.24
CA VAL C 553 18.02 -12.92 -22.02
C VAL C 553 19.25 -13.74 -22.36
N GLU C 554 19.06 -14.85 -23.09
CA GLU C 554 20.19 -15.73 -23.46
C GLU C 554 21.26 -14.91 -24.15
N LYS C 555 20.84 -14.11 -25.13
CA LYS C 555 21.74 -13.26 -25.91
C LYS C 555 22.61 -12.35 -25.05
N CYS C 556 21.97 -11.58 -24.18
CA CYS C 556 22.68 -10.51 -23.45
C CYS C 556 23.62 -11.04 -22.38
N CYS C 557 23.25 -12.11 -21.69
CA CYS C 557 24.16 -12.74 -20.72
C CYS C 557 25.41 -13.30 -21.43
N LYS C 558 25.25 -13.61 -22.71
CA LYS C 558 26.34 -14.14 -23.55
C LYS C 558 26.85 -13.09 -24.52
N ALA C 559 27.44 -12.06 -23.94
CA ALA C 559 28.09 -11.01 -24.70
C ALA C 559 29.17 -10.41 -23.85
N ASP C 560 30.18 -9.87 -24.52
CA ASP C 560 31.17 -9.03 -23.87
C ASP C 560 30.43 -7.75 -23.58
N ASP C 561 30.72 -7.12 -22.45
CA ASP C 561 30.00 -5.91 -22.02
C ASP C 561 28.51 -6.22 -22.01
N LYS C 562 28.04 -6.74 -20.89
CA LYS C 562 26.65 -7.18 -20.77
C LYS C 562 25.68 -6.01 -20.90
N GLU C 563 25.88 -4.98 -20.10
CA GLU C 563 24.87 -3.90 -19.99
C GLU C 563 24.71 -2.97 -21.20
N THR C 564 25.61 -3.07 -22.18
CA THR C 564 25.36 -2.44 -23.50
C THR C 564 24.14 -3.11 -24.14
N CYS C 565 24.13 -4.44 -24.10
CA CYS C 565 23.05 -5.26 -24.69
C CYS C 565 21.71 -4.88 -24.09
N PHE C 566 21.63 -5.00 -22.78
CA PHE C 566 20.38 -4.71 -22.08
C PHE C 566 19.90 -3.32 -22.42
N ALA C 567 20.79 -2.36 -22.23
CA ALA C 567 20.47 -0.98 -22.53
C ALA C 567 19.97 -0.82 -23.96
N GLU C 568 20.66 -1.50 -24.88
CA GLU C 568 20.47 -1.31 -26.34
C GLU C 568 19.33 -2.14 -26.88
N GLU C 569 19.25 -3.39 -26.42
CA GLU C 569 18.24 -4.33 -26.91
C GLU C 569 16.91 -4.22 -26.14
N GLY C 570 16.98 -3.65 -24.94
CA GLY C 570 15.81 -3.50 -24.08
C GLY C 570 14.61 -2.81 -24.71
N LYS C 571 14.87 -1.91 -25.64
CA LYS C 571 13.81 -1.15 -26.32
C LYS C 571 13.37 -1.86 -27.57
N LYS C 572 14.23 -2.73 -28.07
CA LYS C 572 14.00 -3.43 -29.34
C LYS C 572 13.10 -4.63 -29.07
N LEU C 573 13.30 -5.26 -27.93
CA LEU C 573 12.37 -6.29 -27.48
C LEU C 573 10.99 -5.70 -27.28
N VAL C 574 10.91 -4.44 -26.86
CA VAL C 574 9.62 -3.75 -26.71
C VAL C 574 8.98 -3.48 -28.07
N ALA C 575 9.78 -2.93 -28.96
CA ALA C 575 9.35 -2.64 -30.33
C ALA C 575 8.83 -3.90 -30.96
N ALA C 576 9.62 -4.96 -30.82
CA ALA C 576 9.27 -6.26 -31.33
C ALA C 576 7.89 -6.65 -30.83
N SER C 577 7.74 -6.58 -29.51
CA SER C 577 6.56 -7.08 -28.80
C SER C 577 5.26 -6.32 -29.12
N GLN C 578 5.35 -5.01 -29.36
CA GLN C 578 4.18 -4.22 -29.79
C GLN C 578 3.67 -4.72 -31.11
N ALA C 579 4.60 -4.94 -32.04
CA ALA C 579 4.27 -5.47 -33.35
C ALA C 579 3.61 -6.80 -33.19
N ALA C 580 4.29 -7.71 -32.52
CA ALA C 580 3.81 -9.07 -32.27
C ALA C 580 2.49 -9.17 -31.48
N LEU C 581 2.01 -8.05 -30.98
CA LEU C 581 0.75 -8.03 -30.23
C LEU C 581 -0.33 -7.18 -30.86
N GLY C 582 0.02 -6.34 -31.83
CA GLY C 582 -0.90 -5.34 -32.36
C GLY C 582 -0.47 -3.96 -31.94
N LEU C 583 -0.28 -3.79 -30.64
CA LEU C 583 0.28 -2.54 -30.09
C LEU C 583 0.06 -2.57 -28.59
N GLY D 1 7.90 67.66 -8.94
CA GLY D 1 9.09 67.26 -9.75
C GLY D 1 8.80 66.16 -10.76
N GLY D 2 8.63 64.94 -10.24
CA GLY D 2 8.31 63.76 -11.05
C GLY D 2 7.20 62.97 -10.40
N PRO D 3 6.98 61.72 -10.85
CA PRO D 3 5.99 60.88 -10.17
C PRO D 3 6.46 60.41 -8.81
N SER D 4 5.50 60.10 -7.97
CA SER D 4 5.79 59.51 -6.67
C SER D 4 5.25 58.09 -6.58
N VAL D 5 5.67 57.40 -5.52
CA VAL D 5 5.35 55.98 -5.30
C VAL D 5 4.79 55.68 -3.90
N PHE D 6 3.86 54.72 -3.87
CA PHE D 6 3.25 54.23 -2.62
C PHE D 6 3.17 52.69 -2.54
N LEU D 7 3.69 52.17 -1.43
CA LEU D 7 3.91 50.72 -1.26
C LEU D 7 3.04 50.17 -0.12
N PHE D 8 2.01 49.41 -0.50
CA PHE D 8 1.02 48.89 0.48
C PHE D 8 1.33 47.47 0.94
N PRO D 9 0.86 47.11 2.14
CA PRO D 9 1.09 45.78 2.68
C PRO D 9 0.02 44.77 2.23
N PRO D 10 0.23 43.49 2.54
CA PRO D 10 -0.82 42.51 2.31
C PRO D 10 -1.94 42.60 3.33
N LYS D 11 -3.03 41.90 3.04
CA LYS D 11 -4.18 41.78 3.96
C LYS D 11 -3.94 40.77 5.10
N PRO D 12 -4.04 41.22 6.37
CA PRO D 12 -3.84 40.39 7.55
C PRO D 12 -4.51 39.03 7.52
N LYS D 13 -5.75 39.01 7.03
CA LYS D 13 -6.46 37.73 6.78
C LYS D 13 -5.64 36.90 5.73
N ASP D 14 -5.20 37.57 4.68
CA ASP D 14 -4.45 36.90 3.61
C ASP D 14 -3.04 36.49 4.02
N THR D 15 -2.56 36.99 5.15
CA THR D 15 -1.20 36.61 5.61
C THR D 15 -1.21 35.43 6.54
N LEU D 16 -2.41 34.99 6.91
CA LEU D 16 -2.58 33.81 7.79
C LEU D 16 -3.23 32.65 7.02
N TYR D 17 -4.28 33.01 6.27
CA TYR D 17 -5.00 32.09 5.35
C TYR D 17 -4.16 31.87 4.08
N ILE D 18 -3.73 30.65 3.87
CA ILE D 18 -3.00 30.34 2.65
C ILE D 18 -3.87 30.52 1.46
N THR D 19 -5.11 30.06 1.62
CA THR D 19 -6.04 29.89 0.52
C THR D 19 -6.19 31.21 -0.18
N ARG D 20 -5.99 32.27 0.58
CA ARG D 20 -6.03 33.62 0.05
C ARG D 20 -4.66 34.07 -0.44
N GLU D 21 -4.67 35.08 -1.28
CA GLU D 21 -3.42 35.57 -1.89
C GLU D 21 -2.94 36.86 -1.23
N PRO D 22 -1.75 36.83 -0.59
CA PRO D 22 -1.21 38.04 0.04
C PRO D 22 -0.39 38.90 -0.89
N GLU D 23 -1.04 39.92 -1.41
CA GLU D 23 -0.46 40.78 -2.41
C GLU D 23 0.21 42.04 -1.82
N VAL D 24 1.54 42.08 -1.93
CA VAL D 24 2.34 43.30 -1.61
C VAL D 24 2.40 44.22 -2.81
N THR D 25 1.65 45.31 -2.76
CA THR D 25 1.42 46.17 -3.96
C THR D 25 2.38 47.38 -4.06
N CYS D 26 2.56 47.86 -5.30
CA CYS D 26 3.42 49.03 -5.65
C CYS D 26 2.74 50.00 -6.63
N VAL D 27 2.03 50.97 -6.06
CA VAL D 27 1.24 51.95 -6.85
C VAL D 27 1.93 53.31 -7.07
N VAL D 28 2.20 53.62 -8.35
CA VAL D 28 2.82 54.91 -8.78
C VAL D 28 1.87 55.83 -9.57
N VAL D 29 1.67 57.03 -9.03
CA VAL D 29 0.82 58.07 -9.67
C VAL D 29 1.67 59.25 -10.13
N ASP D 30 0.98 60.33 -10.53
CA ASP D 30 1.62 61.58 -11.01
C ASP D 30 2.63 61.30 -12.10
N VAL D 31 2.33 60.30 -12.92
CA VAL D 31 3.26 59.85 -13.95
C VAL D 31 3.12 60.68 -15.22
N SER D 32 4.26 60.89 -15.86
CA SER D 32 4.36 61.70 -17.06
C SER D 32 3.62 61.06 -18.23
N HIS D 33 2.72 61.84 -18.83
CA HIS D 33 2.03 61.44 -20.07
C HIS D 33 3.00 61.27 -21.21
N GLU D 34 4.10 62.00 -21.13
CA GLU D 34 5.14 61.99 -22.17
C GLU D 34 6.04 60.76 -22.06
N ASP D 35 6.49 60.49 -20.84
CA ASP D 35 7.30 59.29 -20.54
C ASP D 35 6.52 58.34 -19.62
N PRO D 36 5.71 57.44 -20.21
CA PRO D 36 4.82 56.57 -19.45
C PRO D 36 5.42 55.25 -18.95
N GLU D 37 6.46 54.78 -19.64
CA GLU D 37 7.07 53.47 -19.33
C GLU D 37 7.87 53.51 -18.04
N VAL D 38 7.64 52.50 -17.19
CA VAL D 38 8.34 52.38 -15.90
C VAL D 38 8.87 50.98 -15.62
N LYS D 39 10.09 50.94 -15.09
CA LYS D 39 10.86 49.70 -14.88
C LYS D 39 10.88 49.30 -13.40
N PHE D 40 9.96 48.42 -13.04
CA PHE D 40 9.89 47.89 -11.67
C PHE D 40 10.99 46.86 -11.43
N ASN D 41 11.37 46.73 -10.16
CA ASN D 41 12.19 45.61 -9.66
C ASN D 41 11.71 45.21 -8.27
N TRP D 42 12.18 44.06 -7.81
CA TRP D 42 11.82 43.55 -6.48
C TRP D 42 12.96 42.84 -5.79
N TYR D 43 13.04 43.01 -4.47
CA TYR D 43 14.16 42.51 -3.67
C TYR D 43 13.78 41.95 -2.29
N VAL D 44 13.74 40.62 -2.21
CA VAL D 44 13.43 39.88 -0.97
C VAL D 44 14.66 39.72 -0.08
N ASP D 45 14.65 40.42 1.06
CA ASP D 45 15.82 40.48 1.95
C ASP D 45 17.07 40.64 1.10
N GLY D 46 17.01 41.64 0.23
CA GLY D 46 18.13 42.00 -0.66
C GLY D 46 18.17 41.24 -1.98
N VAL D 47 17.77 39.98 -1.93
CA VAL D 47 17.84 39.11 -3.11
C VAL D 47 16.71 39.43 -4.09
N GLU D 48 17.12 39.76 -5.31
CA GLU D 48 16.17 40.08 -6.38
C GLU D 48 15.31 38.86 -6.68
N VAL D 49 14.12 39.12 -7.20
CA VAL D 49 13.24 38.05 -7.69
C VAL D 49 12.43 38.43 -8.92
N HIS D 50 12.04 37.39 -9.64
CA HIS D 50 11.31 37.51 -10.89
C HIS D 50 10.04 36.73 -10.84
N ASN D 51 9.16 37.23 -10.00
CA ASN D 51 7.76 36.80 -9.97
C ASN D 51 6.85 38.00 -9.75
N ALA D 52 7.24 39.13 -10.32
CA ALA D 52 6.39 40.31 -10.30
C ALA D 52 5.29 40.16 -11.32
N LYS D 53 4.20 40.91 -11.13
CA LYS D 53 3.08 40.91 -12.09
C LYS D 53 2.44 42.31 -12.24
N THR D 54 2.94 43.04 -13.23
CA THR D 54 2.54 44.44 -13.50
C THR D 54 1.21 44.58 -14.23
N LYS D 55 0.27 45.25 -13.57
CA LYS D 55 -1.01 45.64 -14.21
C LYS D 55 -0.76 46.80 -15.19
N PRO D 56 -1.64 46.98 -16.19
CA PRO D 56 -1.37 47.97 -17.22
C PRO D 56 -1.78 49.37 -16.78
N ARG D 57 -1.74 50.31 -17.73
CA ARG D 57 -2.00 51.73 -17.45
C ARG D 57 -3.46 52.03 -17.10
N GLU D 58 -3.65 52.63 -15.93
CA GLU D 58 -4.97 52.93 -15.36
C GLU D 58 -5.15 54.43 -15.15
N GLU D 59 -5.15 55.17 -16.25
CA GLU D 59 -5.12 56.65 -16.24
C GLU D 59 -6.30 57.28 -15.52
N GLN D 60 -6.03 58.42 -14.87
CA GLN D 60 -7.02 59.20 -14.10
C GLN D 60 -7.51 60.44 -14.90
N TYR D 61 -8.47 61.17 -14.33
CA TYR D 61 -9.04 62.39 -14.98
C TYR D 61 -8.01 63.52 -15.03
N ASN D 62 -7.00 63.40 -14.16
CA ASN D 62 -6.00 64.46 -13.96
C ASN D 62 -4.74 64.27 -14.82
N SER D 63 -4.92 63.66 -16.00
CA SER D 63 -3.88 63.55 -17.06
C SER D 63 -2.58 62.87 -16.63
N THR D 64 -2.61 62.24 -15.45
CA THR D 64 -1.47 61.51 -14.91
C THR D 64 -1.74 60.01 -14.98
N TYR D 65 -0.85 59.29 -15.66
CA TYR D 65 -0.95 57.83 -15.71
C TYR D 65 -0.74 57.27 -14.31
N ARG D 66 -1.52 56.24 -14.02
CA ARG D 66 -1.39 55.50 -12.75
C ARG D 66 -1.06 54.04 -13.05
N VAL D 67 0.09 53.60 -12.57
CA VAL D 67 0.59 52.22 -12.79
C VAL D 67 0.71 51.42 -11.47
N VAL D 68 0.54 50.10 -11.58
CA VAL D 68 0.51 49.22 -10.43
C VAL D 68 1.24 47.89 -10.67
N SER D 69 2.09 47.52 -9.71
CA SER D 69 2.81 46.22 -9.73
C SER D 69 2.51 45.38 -8.49
N VAL D 70 1.99 44.20 -8.76
CA VAL D 70 1.63 43.24 -7.72
C VAL D 70 2.66 42.10 -7.56
N LEU D 71 3.20 41.99 -6.35
CA LEU D 71 4.00 40.82 -5.94
C LEU D 71 3.22 39.90 -4.99
N THR D 72 3.20 38.63 -5.40
CA THR D 72 2.60 37.54 -4.61
C THR D 72 3.69 36.94 -3.72
N VAL D 73 3.77 37.44 -2.50
CA VAL D 73 4.76 36.98 -1.56
C VAL D 73 4.30 35.67 -0.96
N LEU D 74 5.18 35.04 -0.21
CA LEU D 74 4.82 33.84 0.54
C LEU D 74 4.20 34.19 1.87
N HIS D 75 3.52 33.20 2.43
CA HIS D 75 2.86 33.32 3.75
C HIS D 75 3.92 33.29 4.84
N GLN D 76 4.55 32.13 5.00
CA GLN D 76 5.64 31.91 5.98
C GLN D 76 6.63 33.07 5.93
N ASP D 77 7.00 33.45 4.71
CA ASP D 77 7.98 34.53 4.44
C ASP D 77 7.73 35.79 5.26
N TRP D 78 6.63 36.45 4.92
CA TRP D 78 6.27 37.76 5.45
C TRP D 78 6.38 37.82 6.91
N LEU D 79 5.94 36.73 7.54
CA LEU D 79 5.83 36.62 8.98
C LEU D 79 7.16 36.34 9.68
N ASN D 80 8.18 36.02 8.87
CA ASN D 80 9.57 35.93 9.34
C ASN D 80 10.32 37.26 9.14
N GLY D 81 9.54 38.31 8.93
CA GLY D 81 10.08 39.66 8.79
C GLY D 81 10.96 39.80 7.58
N LYS D 82 10.68 39.03 6.54
CA LYS D 82 11.44 39.18 5.30
C LYS D 82 11.12 40.54 4.72
N GLU D 83 12.18 41.30 4.46
CA GLU D 83 12.10 42.70 4.00
C GLU D 83 12.01 42.84 2.47
N TYR D 84 10.85 43.30 2.00
CA TYR D 84 10.58 43.44 0.56
C TYR D 84 10.83 44.87 0.04
N LYS D 85 10.67 45.05 -1.27
CA LYS D 85 11.09 46.30 -1.94
C LYS D 85 10.71 46.48 -3.38
N CYS D 86 10.27 47.70 -3.65
CA CYS D 86 9.89 48.10 -4.97
C CYS D 86 10.84 49.17 -5.42
N LYS D 87 11.65 48.83 -6.42
CA LYS D 87 12.54 49.81 -7.12
C LYS D 87 11.95 50.25 -8.46
N VAL D 88 11.42 51.47 -8.45
CA VAL D 88 10.79 52.07 -9.63
C VAL D 88 11.83 52.95 -10.32
N SER D 89 12.01 52.72 -11.60
CA SER D 89 12.87 53.59 -12.43
C SER D 89 12.10 54.13 -13.65
N ASN D 90 12.13 55.45 -13.79
CA ASN D 90 11.49 56.13 -14.93
C ASN D 90 12.39 57.26 -15.46
N LYS D 91 12.30 57.55 -16.76
CA LYS D 91 13.04 58.68 -17.34
C LYS D 91 12.49 60.01 -16.83
N ALA D 92 11.24 59.96 -16.36
CA ALA D 92 10.58 61.09 -15.71
C ALA D 92 11.12 61.31 -14.28
N LEU D 93 11.85 60.32 -13.79
CA LEU D 93 12.60 60.42 -12.53
C LEU D 93 14.11 60.29 -12.82
N PRO D 94 14.93 61.22 -12.29
CA PRO D 94 16.37 61.15 -12.60
C PRO D 94 17.00 59.91 -11.97
N ALA D 95 16.82 59.79 -10.66
CA ALA D 95 17.27 58.64 -9.88
C ALA D 95 16.11 57.66 -9.67
N PRO D 96 16.41 56.47 -9.11
CA PRO D 96 15.34 55.55 -8.78
C PRO D 96 14.76 55.77 -7.37
N ILE D 97 13.44 55.90 -7.30
CA ILE D 97 12.73 55.86 -6.01
C ILE D 97 12.61 54.41 -5.50
N GLU D 98 13.18 54.16 -4.31
CA GLU D 98 13.07 52.86 -3.62
C GLU D 98 12.24 52.93 -2.34
N LYS D 99 11.30 52.00 -2.20
CA LYS D 99 10.42 51.93 -1.03
C LYS D 99 10.41 50.54 -0.39
N THR D 100 10.81 50.49 0.87
CA THR D 100 10.97 49.24 1.63
C THR D 100 9.92 49.05 2.72
N ILE D 101 9.14 48.00 2.57
CA ILE D 101 8.08 47.64 3.53
C ILE D 101 8.33 46.29 4.21
N SER D 102 7.76 46.14 5.42
CA SER D 102 7.71 44.84 6.12
C SER D 102 6.58 44.68 7.17
N LYS D 103 6.54 43.47 7.73
CA LYS D 103 5.80 43.20 8.95
C LYS D 103 6.22 44.23 9.98
N ALA D 104 5.28 44.71 10.78
CA ALA D 104 5.61 45.59 11.90
C ALA D 104 6.36 44.74 12.92
N LYS D 105 7.68 44.66 12.74
CA LYS D 105 8.54 43.73 13.50
C LYS D 105 8.58 44.05 14.99
N GLY D 106 9.19 43.14 15.75
CA GLY D 106 9.18 43.19 17.21
C GLY D 106 8.51 41.95 17.77
N GLN D 107 8.77 41.69 19.06
CA GLN D 107 8.20 40.50 19.76
C GLN D 107 6.67 40.50 19.73
N PRO D 108 6.06 39.62 18.95
CA PRO D 108 4.61 39.66 18.86
C PRO D 108 3.95 39.03 20.07
N ARG D 109 2.79 39.55 20.40
CA ARG D 109 2.09 39.13 21.61
C ARG D 109 0.74 38.50 21.31
N GLU D 110 0.49 37.37 21.98
CA GLU D 110 -0.82 36.68 21.89
C GLU D 110 -1.96 37.66 22.24
N PRO D 111 -2.96 37.79 21.35
CA PRO D 111 -4.11 38.59 21.72
C PRO D 111 -4.95 37.90 22.71
N GLN D 112 -5.87 38.65 23.28
CA GLN D 112 -6.74 38.13 24.32
C GLN D 112 -8.12 38.67 24.14
N VAL D 113 -8.99 37.74 23.82
CA VAL D 113 -10.32 38.06 23.39
C VAL D 113 -11.32 37.78 24.49
N TYR D 114 -12.12 38.79 24.80
CA TYR D 114 -13.31 38.58 25.61
C TYR D 114 -14.50 39.24 24.97
N THR D 115 -15.65 38.59 25.19
CA THR D 115 -16.94 39.09 24.75
C THR D 115 -17.52 39.88 25.88
N LEU D 116 -18.49 40.69 25.54
CA LEU D 116 -19.24 41.43 26.53
C LEU D 116 -20.63 41.58 25.97
N PRO D 117 -21.64 41.29 26.79
CA PRO D 117 -23.01 41.38 26.36
C PRO D 117 -23.54 42.79 26.47
N PRO D 118 -24.70 43.03 25.86
CA PRO D 118 -25.28 44.36 25.89
C PRO D 118 -25.58 44.73 27.29
N SER D 119 -25.42 46.02 27.59
CA SER D 119 -25.63 46.48 28.95
C SER D 119 -27.11 46.59 29.28
N ARG D 120 -27.37 46.49 30.59
CA ARG D 120 -28.70 46.64 31.16
C ARG D 120 -29.46 47.65 30.34
N ASP D 121 -28.96 48.86 30.42
CA ASP D 121 -29.67 50.05 29.95
C ASP D 121 -30.15 49.84 28.52
N GLU D 122 -29.25 49.29 27.71
CA GLU D 122 -29.43 49.17 26.26
C GLU D 122 -30.60 48.27 25.87
N LEU D 123 -30.71 47.17 26.62
CA LEU D 123 -31.71 46.10 26.36
C LEU D 123 -33.13 46.61 26.25
N THR D 124 -33.44 47.67 26.96
CA THR D 124 -34.78 48.24 26.90
C THR D 124 -35.27 48.31 25.47
N LYS D 125 -34.43 48.89 24.61
CA LYS D 125 -34.82 49.16 23.21
C LYS D 125 -34.78 47.89 22.36
N ASN D 126 -35.22 47.99 21.11
CA ASN D 126 -35.31 46.82 20.20
C ASN D 126 -33.98 46.21 19.76
N GLN D 127 -32.91 47.01 19.86
CA GLN D 127 -31.57 46.64 19.35
C GLN D 127 -30.53 46.54 20.48
N VAL D 128 -29.49 45.75 20.24
CA VAL D 128 -28.47 45.44 21.27
C VAL D 128 -27.06 45.53 20.71
N SER D 129 -26.07 45.51 21.58
CA SER D 129 -24.68 45.74 21.13
C SER D 129 -23.73 44.74 21.77
N LEU D 130 -23.53 43.65 21.06
CA LEU D 130 -22.71 42.56 21.56
C LEU D 130 -21.29 42.94 21.35
N THR D 131 -20.61 43.33 22.42
CA THR D 131 -19.24 43.80 22.32
C THR D 131 -18.19 42.71 22.20
N CYS D 132 -17.16 42.94 21.40
CA CYS D 132 -15.96 42.10 21.44
C CYS D 132 -14.71 42.94 21.64
N LEU D 133 -14.21 42.92 22.86
CA LEU D 133 -12.93 43.53 23.19
C LEU D 133 -11.85 42.54 22.84
N VAL D 134 -10.87 43.00 22.09
CA VAL D 134 -9.66 42.24 21.86
C VAL D 134 -8.43 43.07 22.19
N LYS D 135 -7.77 42.68 23.28
CA LYS D 135 -6.58 43.39 23.81
C LYS D 135 -5.36 42.49 24.01
N GLY D 136 -4.22 43.14 24.15
CA GLY D 136 -2.97 42.46 24.54
C GLY D 136 -2.19 41.87 23.38
N PHE D 137 -2.41 42.45 22.21
CA PHE D 137 -1.84 41.92 20.98
C PHE D 137 -0.82 42.83 20.29
N TYR D 138 0.14 42.17 19.64
CA TYR D 138 1.10 42.79 18.70
C TYR D 138 1.22 41.89 17.48
N PRO D 139 1.18 42.45 16.27
CA PRO D 139 1.07 43.84 15.91
C PRO D 139 -0.26 44.23 15.34
N SER D 140 -0.35 45.51 15.02
CA SER D 140 -1.56 46.18 14.46
C SER D 140 -2.41 45.29 13.59
N ASP D 141 -1.74 44.53 12.75
CA ASP D 141 -2.40 43.73 11.73
C ASP D 141 -3.16 42.58 12.38
N ILE D 142 -4.40 42.45 11.96
CA ILE D 142 -5.35 41.61 12.66
C ILE D 142 -6.69 41.67 11.96
N ALA D 143 -7.33 40.52 11.93
CA ALA D 143 -8.61 40.36 11.26
C ALA D 143 -9.64 40.02 12.27
N VAL D 144 -10.78 40.71 12.18
CA VAL D 144 -11.90 40.47 13.08
C VAL D 144 -13.21 40.34 12.35
N GLU D 145 -13.95 39.32 12.75
CA GLU D 145 -15.23 38.99 12.13
C GLU D 145 -16.23 38.55 13.17
N TRP D 146 -17.49 38.43 12.72
CA TRP D 146 -18.56 37.81 13.50
C TRP D 146 -19.20 36.68 12.74
N GLU D 147 -19.85 35.82 13.50
CA GLU D 147 -20.49 34.62 12.97
C GLU D 147 -21.44 34.03 13.99
N SER D 148 -22.61 33.63 13.51
CA SER D 148 -23.66 33.13 14.38
C SER D 148 -24.32 31.90 13.79
N ASN D 149 -24.35 30.83 14.57
CA ASN D 149 -25.10 29.66 14.16
C ASN D 149 -24.40 29.03 12.95
N GLY D 150 -23.08 28.94 13.06
CA GLY D 150 -22.22 28.38 12.03
C GLY D 150 -22.08 29.26 10.79
N GLN D 151 -22.65 30.45 10.84
CA GLN D 151 -22.87 31.26 9.65
C GLN D 151 -22.52 32.73 9.88
N PRO D 152 -21.72 33.34 9.00
CA PRO D 152 -21.32 34.73 9.17
C PRO D 152 -22.43 35.76 9.35
N GLU D 153 -22.05 36.85 10.03
CA GLU D 153 -22.90 38.03 10.33
C GLU D 153 -22.44 39.32 9.61
N ASN D 154 -23.42 40.12 9.18
CA ASN D 154 -23.14 41.37 8.43
C ASN D 154 -23.14 42.62 9.25
N ASN D 155 -24.22 42.73 10.03
CA ASN D 155 -24.53 43.92 10.82
C ASN D 155 -23.57 44.14 11.97
N TYR D 156 -22.43 44.74 11.65
CA TYR D 156 -21.42 45.09 12.65
C TYR D 156 -20.36 46.03 12.13
N LYS D 157 -19.67 46.68 13.05
CA LYS D 157 -18.50 47.51 12.73
C LYS D 157 -17.38 47.23 13.69
N THR D 158 -16.16 47.53 13.30
CA THR D 158 -15.02 47.28 14.18
C THR D 158 -14.00 48.42 14.11
N THR D 159 -13.77 49.05 15.27
CA THR D 159 -12.83 50.17 15.40
C THR D 159 -11.46 49.69 15.01
N PRO D 160 -10.63 50.58 14.47
CA PRO D 160 -9.27 50.16 14.24
C PRO D 160 -8.61 50.00 15.59
N PRO D 161 -7.36 49.58 15.62
CA PRO D 161 -6.71 49.48 16.91
C PRO D 161 -6.32 50.82 17.48
N VAL D 162 -5.96 50.78 18.74
CA VAL D 162 -5.23 51.87 19.38
C VAL D 162 -4.11 51.26 20.23
N LEU D 163 -3.04 52.02 20.43
CA LEU D 163 -1.88 51.52 21.17
C LEU D 163 -2.10 51.58 22.67
N ASP D 164 -2.14 50.40 23.27
CA ASP D 164 -2.34 50.25 24.73
C ASP D 164 -1.03 50.64 25.44
N SER D 165 -1.16 51.28 26.59
CA SER D 165 0.00 51.78 27.36
C SER D 165 1.14 50.76 27.41
N ASP D 166 0.77 49.52 27.69
CA ASP D 166 1.74 48.41 27.84
C ASP D 166 2.60 48.16 26.62
N GLY D 167 2.15 48.68 25.48
CA GLY D 167 2.87 48.56 24.20
C GLY D 167 2.08 47.77 23.17
N SER D 168 1.31 46.80 23.64
CA SER D 168 0.39 46.07 22.77
C SER D 168 -0.80 46.95 22.43
N PHE D 169 -1.61 46.47 21.50
CA PHE D 169 -2.81 47.15 21.06
C PHE D 169 -4.05 46.52 21.66
N PHE D 170 -5.18 47.07 21.26
CA PHE D 170 -6.46 46.52 21.61
C PHE D 170 -7.49 47.04 20.63
N LEU D 171 -8.62 46.37 20.61
CA LEU D 171 -9.67 46.70 19.67
C LEU D 171 -11.06 46.42 20.23
N TYR D 172 -12.08 47.03 19.63
CA TYR D 172 -13.48 46.65 19.91
C TYR D 172 -14.26 46.39 18.63
N SER D 173 -15.38 45.69 18.82
CA SER D 173 -16.32 45.35 17.73
C SER D 173 -17.76 45.29 18.23
N LYS D 174 -18.60 46.05 17.57
CA LYS D 174 -19.97 46.25 18.00
C LYS D 174 -20.93 45.60 17.03
N LEU D 175 -21.07 44.30 17.17
CA LEU D 175 -22.11 43.56 16.47
C LEU D 175 -23.50 43.89 16.99
N THR D 176 -24.31 44.51 16.15
CA THR D 176 -25.70 44.73 16.51
C THR D 176 -26.57 43.62 15.99
N VAL D 177 -27.53 43.20 16.82
CA VAL D 177 -28.59 42.29 16.40
C VAL D 177 -29.92 42.78 16.99
N ASP D 178 -31.02 42.15 16.59
CA ASP D 178 -32.33 42.47 17.20
C ASP D 178 -32.47 41.80 18.56
N LYS D 179 -33.39 42.30 19.38
CA LYS D 179 -33.50 41.80 20.77
C LYS D 179 -34.01 40.38 20.79
N SER D 180 -35.06 40.16 20.02
CA SER D 180 -35.75 38.85 19.90
C SER D 180 -34.74 37.73 19.67
N ARG D 181 -33.85 37.96 18.72
CA ARG D 181 -32.83 36.99 18.33
C ARG D 181 -31.96 36.60 19.50
N TRP D 182 -31.50 37.61 20.22
CA TRP D 182 -30.62 37.42 21.38
C TRP D 182 -31.29 36.72 22.48
N GLN D 183 -32.56 37.07 22.67
CA GLN D 183 -33.43 36.43 23.66
C GLN D 183 -33.64 34.95 23.39
N GLN D 184 -33.99 34.65 22.15
CA GLN D 184 -34.14 33.26 21.70
C GLN D 184 -32.95 32.40 22.02
N GLY D 185 -31.84 33.06 22.34
CA GLY D 185 -30.69 32.41 22.96
C GLY D 185 -29.57 32.18 22.00
N ASN D 186 -29.87 32.37 20.73
CA ASN D 186 -28.93 32.05 19.66
C ASN D 186 -27.51 32.46 19.99
N VAL D 187 -26.59 31.54 19.83
CA VAL D 187 -25.21 31.78 20.23
C VAL D 187 -24.50 32.57 19.16
N PHE D 188 -23.87 33.67 19.58
CA PHE D 188 -23.01 34.48 18.72
C PHE D 188 -21.56 34.25 19.05
N SER D 189 -20.70 34.32 18.04
CA SER D 189 -19.26 34.02 18.18
C SER D 189 -18.33 34.96 17.42
N CYS D 190 -17.77 35.91 18.17
CA CYS D 190 -16.78 36.86 17.66
C CYS D 190 -15.50 36.13 17.31
N SER D 191 -15.14 36.23 16.03
CA SER D 191 -13.94 35.59 15.49
C SER D 191 -12.80 36.57 15.20
N VAL D 192 -11.61 36.11 15.57
CA VAL D 192 -10.41 36.89 15.43
C VAL D 192 -9.33 36.06 14.77
N MET D 193 -8.56 36.77 13.95
CA MET D 193 -7.43 36.20 13.25
C MET D 193 -6.25 37.15 13.38
N HIS D 194 -5.09 36.57 13.70
CA HIS D 194 -3.88 37.34 14.04
C HIS D 194 -2.67 36.46 14.05
N GLU D 195 -1.49 37.08 13.96
CA GLU D 195 -0.23 36.35 13.74
C GLU D 195 0.18 35.41 14.87
N ALA D 196 -0.10 35.85 16.08
CA ALA D 196 0.39 35.16 17.26
C ALA D 196 -0.70 34.32 17.87
N LEU D 197 -1.85 34.28 17.18
CA LEU D 197 -2.99 33.45 17.62
C LEU D 197 -2.58 32.03 17.41
N HIS D 198 -2.98 31.20 18.37
CA HIS D 198 -2.63 29.80 18.29
C HIS D 198 -3.43 29.36 17.13
N ASN D 199 -2.73 28.82 16.15
CA ASN D 199 -3.33 28.43 14.90
C ASN D 199 -3.81 29.60 14.04
N HIS D 200 -3.20 30.75 14.32
CA HIS D 200 -3.53 32.04 13.66
C HIS D 200 -4.99 32.42 13.74
N TYR D 201 -5.72 31.81 14.66
CA TYR D 201 -7.16 32.00 14.71
C TYR D 201 -7.68 31.66 16.09
N THR D 202 -8.56 32.50 16.60
CA THR D 202 -9.47 32.08 17.65
C THR D 202 -10.77 32.83 17.62
N GLN D 203 -11.78 32.15 18.15
CA GLN D 203 -13.13 32.66 18.19
C GLN D 203 -13.67 32.43 19.58
N LYS D 204 -14.49 33.36 20.04
CA LYS D 204 -15.19 33.20 21.33
C LYS D 204 -16.69 33.31 21.14
N SER D 205 -17.45 33.17 22.23
CA SER D 205 -18.89 33.05 22.14
C SER D 205 -19.60 33.88 23.16
N LEU D 206 -20.85 34.18 22.80
CA LEU D 206 -21.68 35.11 23.55
C LEU D 206 -23.16 34.71 23.42
N SER D 207 -23.81 34.59 24.57
CA SER D 207 -25.20 34.14 24.62
C SER D 207 -25.88 34.40 25.95
N LEU D 208 -27.21 34.47 25.86
CA LEU D 208 -28.07 34.72 27.01
C LEU D 208 -27.54 34.01 28.24
N SER D 209 -27.36 34.75 29.33
CA SER D 209 -26.90 34.21 30.64
C SER D 209 -27.00 35.27 31.74
C1 NAG E . -4.83 62.11 -9.66
C2 NAG E . -3.69 62.55 -8.73
C3 NAG E . -3.11 61.34 -7.99
C4 NAG E . -4.19 60.54 -7.24
C5 NAG E . -5.40 60.32 -8.17
C6 NAG E . -6.58 59.73 -7.40
C7 NAG E . -2.27 64.53 -9.22
C8 NAG E . -1.18 65.05 -10.13
N2 NAG E . -2.66 63.26 -9.48
O3 NAG E . -2.09 61.74 -7.09
O4 NAG E . -3.70 59.30 -6.73
O5 NAG E . -5.81 61.51 -8.84
O6 NAG E . -7.72 59.66 -8.22
O7 NAG E . -2.73 65.25 -8.33
C1 NAG E . -3.46 59.34 -5.29
C2 NAG E . -3.09 57.96 -4.71
C3 NAG E . -2.98 58.02 -3.18
C4 NAG E . -1.98 59.11 -2.74
C5 NAG E . -2.21 60.43 -3.52
C6 NAG E . -1.07 61.43 -3.28
C7 NAG E . -3.82 55.61 -5.12
C8 NAG E . -4.95 54.73 -5.61
N2 NAG E . -4.05 56.95 -5.15
O3 NAG E . -2.61 56.77 -2.62
O4 NAG E . -2.03 59.35 -1.33
O5 NAG E . -2.42 60.24 -4.92
O6 NAG E . -0.66 62.00 -4.49
O7 NAG E . -2.79 55.06 -4.73
C1 BMA E . -1.46 58.31 -0.49
C2 BMA E . -0.70 58.94 0.68
C3 BMA E . -0.27 57.90 1.72
C4 BMA E . -1.40 56.92 2.07
C5 BMA E . -2.11 56.41 0.81
C6 BMA E . -3.37 55.60 1.13
O2 BMA E . -1.52 59.93 1.30
O3 BMA E . 0.13 58.55 2.94
O4 BMA E . -0.87 55.82 2.85
O5 BMA E . -2.52 57.51 0.00
O6 BMA E . -3.97 55.17 -0.11
C1 MAN E . 1.54 58.86 2.95
C2 MAN E . 2.01 59.07 4.41
C3 MAN E . 1.86 60.47 4.96
C4 MAN E . 2.13 61.53 3.89
C5 MAN E . 1.36 61.22 2.61
C6 MAN E . 1.58 62.27 1.52
O2 MAN E . 3.40 58.80 4.52
O3 MAN E . 2.77 60.62 6.04
O4 MAN E . 1.77 62.80 4.38
O5 MAN E . 1.84 59.98 2.14
O6 MAN E . 0.91 61.91 0.33
C1 NAG E . 3.68 57.71 5.41
C2 NAG E . 5.07 57.85 5.99
C3 NAG E . 5.49 56.48 6.53
C4 NAG E . 4.31 55.56 6.95
C5 NAG E . 2.94 56.26 7.16
C6 NAG E . 2.61 56.42 8.64
C7 NAG E . 7.19 58.83 5.29
C8 NAG E . 7.52 59.05 6.74
N2 NAG E . 6.02 58.28 5.00
O3 NAG E . 6.44 56.69 7.57
O4 NAG E . 4.13 54.47 6.05
O5 NAG E . 2.80 57.54 6.52
O6 NAG E . 2.35 55.16 9.23
O7 NAG E . 7.98 59.18 4.42
C1 MAN E . -4.97 54.15 0.10
C2 MAN E . -5.13 53.28 -1.16
C3 MAN E . -5.55 54.16 -2.36
C4 MAN E . -6.78 55.00 -2.00
C5 MAN E . -6.76 55.58 -0.56
C6 MAN E . -8.17 55.97 -0.11
O2 MAN E . -5.99 52.16 -0.93
O3 MAN E . -5.78 53.37 -3.50
O4 MAN E . -6.89 56.05 -2.94
O5 MAN E . -6.23 54.70 0.42
O6 MAN E . -8.32 55.74 1.27
C1 NAG E . -5.24 50.93 -0.80
C2 NAG E . -5.97 49.98 0.15
C3 NAG E . -5.27 48.62 0.23
C4 NAG E . -4.88 48.06 -1.13
C5 NAG E . -4.17 49.15 -1.94
C6 NAG E . -3.78 48.66 -3.33
C7 NAG E . -7.21 51.17 1.91
C8 NAG E . -7.17 51.70 3.32
N2 NAG E . -6.09 50.57 1.48
O3 NAG E . -6.08 47.66 0.87
O4 NAG E . -4.07 46.90 -0.95
O5 NAG E . -5.03 50.28 -2.04
O6 NAG E . -4.80 47.89 -3.96
O7 NAG E . -8.22 51.31 1.23
C1 FUL E . -8.86 60.23 -7.94
C2 FUL E . -10.01 59.91 -7.01
O2 FUL E . -9.65 59.21 -5.82
C3 FUL E . -10.68 61.21 -6.62
O3 FUL E . -11.81 60.89 -5.78
C4 FUL E . -11.11 62.02 -7.82
O4 FUL E . -12.19 61.26 -8.42
C5 FUL E . -9.94 62.22 -8.77
C6 FUL E . -10.33 62.88 -10.08
O5 FUL E . -9.32 60.91 -9.08
#